data_4LKD
#
_entry.id   4LKD
#
_cell.length_a   159.216
_cell.length_b   149.239
_cell.length_c   87.018
_cell.angle_alpha   90.00
_cell.angle_beta   110.96
_cell.angle_gamma   90.00
#
_symmetry.space_group_name_H-M   'C 1 2 1'
#
loop_
_entity.id
_entity.type
_entity.pdbx_description
1 polymer 'PA-I galactophilic lectin'
2 polymer 'peptide QRSA'
3 non-polymer beta-D-galactopyranose
4 non-polymer 'CALCIUM ION'
5 non-polymer 'P-HYDROXYBENZOIC ACID'
6 water water
#
loop_
_entity_poly.entity_id
_entity_poly.type
_entity_poly.pdbx_seq_one_letter_code
_entity_poly.pdbx_strand_id
1 'polypeptide(L)'
;AWKGEVLANNEAGQVTSIIYNPGDVITIVAAGWASYGPTQKWGPQGDREHPDQGLICHDAFCGALVMKIGNSGTIPVNTG
LFRWVAPNNVQGAITLIYNDVPGTYGNNSGSFSVNIGKDQS
;
A,B,C,D,E,F,G,H
2 'polypeptide(L)' QRSA I,J,K,L,M,N,O,P
#
# COMPACT_ATOMS: atom_id res chain seq x y z
N ALA A 1 12.91 -3.76 0.62
CA ALA A 1 13.93 -4.58 -0.01
C ALA A 1 13.32 -5.73 -0.81
N TRP A 2 14.17 -6.50 -1.46
CA TRP A 2 13.72 -7.64 -2.25
C TRP A 2 14.51 -8.89 -1.88
N LYS A 3 13.82 -10.02 -1.79
CA LYS A 3 14.46 -11.30 -1.53
C LYS A 3 13.87 -12.36 -2.44
N GLY A 4 14.74 -13.16 -3.07
CA GLY A 4 14.27 -14.19 -3.97
C GLY A 4 15.34 -15.13 -4.47
N GLU A 5 14.95 -16.00 -5.40
CA GLU A 5 15.84 -17.01 -5.95
C GLU A 5 16.14 -16.72 -7.42
N VAL A 6 17.39 -16.84 -7.79
CA VAL A 6 17.80 -16.70 -9.19
C VAL A 6 18.25 -18.06 -9.72
N LEU A 7 17.41 -18.67 -10.55
CA LEU A 7 17.72 -19.97 -11.11
C LEU A 7 18.78 -19.90 -12.20
N ALA A 8 19.69 -20.87 -12.20
CA ALA A 8 20.79 -20.90 -13.16
C ALA A 8 20.29 -21.12 -14.59
N ASN A 9 19.17 -21.82 -14.73
CA ASN A 9 18.64 -22.16 -16.05
C ASN A 9 17.70 -21.09 -16.61
N ASN A 10 17.56 -19.99 -15.89
CA ASN A 10 16.68 -18.91 -16.32
C ASN A 10 17.41 -17.89 -17.20
N GLU A 11 17.35 -18.09 -18.51
CA GLU A 11 18.13 -17.28 -19.45
C GLU A 11 17.72 -15.81 -19.45
N ALA A 12 16.42 -15.55 -19.34
CA ALA A 12 15.92 -14.17 -19.35
C ALA A 12 16.29 -13.45 -18.07
N GLY A 13 16.57 -14.21 -17.01
CA GLY A 13 16.91 -13.64 -15.72
C GLY A 13 15.70 -13.45 -14.83
N GLN A 14 15.96 -13.24 -13.55
CA GLN A 14 14.89 -13.04 -12.57
C GLN A 14 14.66 -11.57 -12.30
N VAL A 15 13.52 -11.06 -12.74
CA VAL A 15 13.14 -9.66 -12.47
C VAL A 15 12.83 -9.47 -10.99
N THR A 16 13.48 -8.50 -10.38
CA THR A 16 13.23 -8.18 -8.97
C THR A 16 12.26 -7.00 -8.88
N SER A 17 11.84 -6.68 -7.67
CA SER A 17 10.92 -5.57 -7.46
C SER A 17 11.67 -4.27 -7.25
N ILE A 18 13.00 -4.34 -7.23
CA ILE A 18 13.83 -3.17 -7.04
C ILE A 18 13.96 -2.35 -8.33
N ILE A 19 13.57 -1.10 -8.27
CA ILE A 19 13.72 -0.17 -9.39
C ILE A 19 14.78 0.87 -9.06
N TYR A 20 16.00 0.63 -9.54
CA TYR A 20 17.10 1.54 -9.25
C TYR A 20 16.88 2.92 -9.87
N ASN A 21 16.87 3.94 -9.01
CA ASN A 21 16.72 5.32 -9.45
C ASN A 21 18.02 6.08 -9.29
N PRO A 22 18.19 7.17 -10.05
CA PRO A 22 19.42 7.96 -9.98
C PRO A 22 19.71 8.41 -8.54
N GLY A 23 20.95 8.21 -8.10
CA GLY A 23 21.36 8.61 -6.78
C GLY A 23 21.18 7.53 -5.72
N ASP A 24 20.44 6.48 -6.08
CA ASP A 24 20.20 5.38 -5.15
C ASP A 24 21.49 4.69 -4.76
N VAL A 25 21.56 4.25 -3.50
CA VAL A 25 22.65 3.43 -3.03
C VAL A 25 22.06 2.07 -2.64
N ILE A 26 22.63 1.00 -3.19
CA ILE A 26 22.07 -0.34 -2.96
C ILE A 26 23.10 -1.31 -2.42
N THR A 27 22.61 -2.33 -1.71
CA THR A 27 23.46 -3.41 -1.22
C THR A 27 22.87 -4.74 -1.63
N ILE A 28 23.72 -5.62 -2.16
CA ILE A 28 23.28 -6.95 -2.58
C ILE A 28 24.11 -8.04 -1.91
N VAL A 29 23.43 -9.07 -1.42
CA VAL A 29 24.11 -10.25 -0.89
C VAL A 29 23.57 -11.51 -1.54
N ALA A 30 24.45 -12.27 -2.18
CA ALA A 30 24.04 -13.48 -2.88
C ALA A 30 24.72 -14.72 -2.30
N ALA A 31 24.00 -15.83 -2.26
CA ALA A 31 24.55 -17.08 -1.76
C ALA A 31 23.91 -18.27 -2.47
N GLY A 32 24.56 -19.43 -2.39
CA GLY A 32 24.02 -20.64 -2.98
C GLY A 32 24.96 -21.33 -3.93
N TRP A 33 24.47 -22.40 -4.55
CA TRP A 33 25.27 -23.21 -5.46
C TRP A 33 24.53 -23.46 -6.76
N ALA A 34 25.24 -23.29 -7.88
CA ALA A 34 24.63 -23.49 -9.19
C ALA A 34 25.68 -24.05 -10.16
N SER A 35 25.20 -24.55 -11.30
CA SER A 35 26.10 -25.12 -12.30
C SER A 35 25.67 -24.75 -13.72
N TYR A 36 26.66 -24.61 -14.59
CA TYR A 36 26.42 -24.30 -15.99
C TYR A 36 26.46 -25.56 -16.84
N GLY A 37 26.15 -26.71 -16.24
CA GLY A 37 26.15 -27.96 -16.97
C GLY A 37 26.77 -29.13 -16.22
N PRO A 38 28.05 -29.01 -15.84
CA PRO A 38 28.77 -30.07 -15.13
C PRO A 38 28.07 -30.49 -13.83
N THR A 39 28.49 -31.61 -13.25
CA THR A 39 27.90 -32.11 -12.02
C THR A 39 28.38 -31.31 -10.82
N GLN A 40 29.57 -30.73 -10.93
CA GLN A 40 30.11 -29.86 -9.90
C GLN A 40 29.28 -28.58 -9.82
N LYS A 41 29.34 -27.89 -8.68
CA LYS A 41 28.61 -26.63 -8.53
C LYS A 41 29.50 -25.51 -8.00
N TRP A 42 29.19 -24.28 -8.39
CA TRP A 42 29.99 -23.12 -8.01
C TRP A 42 29.15 -22.04 -7.34
N GLY A 43 29.81 -21.20 -6.56
CA GLY A 43 29.14 -20.09 -5.88
C GLY A 43 28.85 -18.93 -6.82
N PRO A 44 28.38 -17.81 -6.24
CA PRO A 44 27.99 -16.59 -6.98
C PRO A 44 29.12 -15.97 -7.80
N GLN A 45 30.35 -16.38 -7.55
CA GLN A 45 31.49 -15.87 -8.30
C GLN A 45 31.78 -16.70 -9.55
N GLY A 46 31.15 -17.87 -9.63
CA GLY A 46 31.27 -18.73 -10.79
C GLY A 46 32.53 -19.59 -10.79
N ASP A 47 32.91 -20.06 -11.98
CA ASP A 47 34.06 -20.94 -12.14
C ASP A 47 35.27 -20.16 -12.65
N ARG A 48 36.26 -19.97 -11.78
CA ARG A 48 37.43 -19.18 -12.11
C ARG A 48 38.34 -19.86 -13.13
N GLU A 49 38.14 -21.16 -13.33
CA GLU A 49 39.02 -21.92 -14.22
C GLU A 49 38.39 -22.21 -15.58
N HIS A 50 37.15 -21.77 -15.77
CA HIS A 50 36.45 -22.01 -17.03
C HIS A 50 36.68 -20.89 -18.04
N PRO A 51 36.91 -21.24 -19.31
CA PRO A 51 37.13 -20.25 -20.37
C PRO A 51 35.85 -19.50 -20.73
N ASP A 52 35.97 -18.22 -21.03
CA ASP A 52 34.84 -17.41 -21.49
C ASP A 52 34.52 -17.77 -22.94
N GLN A 53 33.45 -18.52 -23.13
CA GLN A 53 33.09 -18.98 -24.46
C GLN A 53 31.92 -18.18 -25.05
N GLY A 54 31.86 -16.90 -24.70
CA GLY A 54 30.81 -16.03 -25.20
C GLY A 54 29.74 -15.75 -24.17
N LEU A 55 30.16 -15.51 -22.93
CA LEU A 55 29.25 -15.22 -21.83
C LEU A 55 28.51 -13.92 -22.06
N ILE A 56 27.36 -13.76 -21.41
CA ILE A 56 26.58 -12.54 -21.50
C ILE A 56 27.28 -11.39 -20.76
N CYS A 57 28.24 -11.74 -19.92
CA CYS A 57 29.04 -10.75 -19.20
C CYS A 57 30.50 -11.19 -19.15
N HIS A 58 31.35 -10.49 -19.90
CA HIS A 58 32.76 -10.85 -20.01
C HIS A 58 33.59 -10.35 -18.83
N ASP A 59 32.97 -9.60 -17.94
CA ASP A 59 33.65 -9.08 -16.76
C ASP A 59 33.40 -9.96 -15.55
N ALA A 60 32.93 -11.18 -15.79
CA ALA A 60 32.66 -12.13 -14.72
C ALA A 60 32.81 -13.56 -15.22
N PHE A 61 33.23 -14.45 -14.33
CA PHE A 61 33.43 -15.86 -14.68
C PHE A 61 32.11 -16.53 -15.07
N CYS A 62 32.22 -17.67 -15.76
CA CYS A 62 31.05 -18.45 -16.11
C CYS A 62 30.42 -19.03 -14.85
N GLY A 63 29.11 -18.81 -14.69
CA GLY A 63 28.40 -19.32 -13.53
C GLY A 63 28.28 -18.29 -12.41
N ALA A 64 28.70 -17.07 -12.68
CA ALA A 64 28.64 -16.00 -11.69
C ALA A 64 27.31 -15.25 -11.78
N LEU A 65 27.01 -14.48 -10.74
CA LEU A 65 25.78 -13.68 -10.72
C LEU A 65 26.02 -12.30 -11.30
N VAL A 66 25.25 -11.94 -12.32
CA VAL A 66 25.33 -10.61 -12.91
C VAL A 66 23.94 -10.00 -12.93
N MET A 67 23.84 -8.74 -13.34
CA MET A 67 22.55 -8.06 -13.37
C MET A 67 22.44 -7.06 -14.51
N LYS A 68 21.21 -6.68 -14.82
CA LYS A 68 20.93 -5.59 -15.75
C LYS A 68 20.02 -4.58 -15.05
N ILE A 69 20.40 -3.31 -15.12
CA ILE A 69 19.56 -2.25 -14.57
C ILE A 69 18.85 -1.53 -15.70
N GLY A 70 17.56 -1.80 -15.85
CA GLY A 70 16.78 -1.22 -16.93
C GLY A 70 17.25 -1.71 -18.28
N ASN A 71 17.81 -0.80 -19.07
CA ASN A 71 18.24 -1.12 -20.42
C ASN A 71 19.74 -1.31 -20.56
N SER A 72 20.45 -1.21 -19.44
CA SER A 72 21.91 -1.29 -19.45
C SER A 72 22.41 -2.66 -19.90
N GLY A 73 23.72 -2.74 -20.13
CA GLY A 73 24.36 -4.03 -20.38
C GLY A 73 24.52 -4.77 -19.06
N THR A 74 25.10 -5.96 -19.12
CA THR A 74 25.29 -6.75 -17.91
C THR A 74 26.31 -6.11 -16.97
N ILE A 75 26.08 -6.28 -15.68
CA ILE A 75 26.99 -5.77 -14.66
C ILE A 75 27.29 -6.89 -13.67
N PRO A 76 28.58 -7.10 -13.38
CA PRO A 76 28.98 -8.16 -12.43
C PRO A 76 28.42 -7.89 -11.03
N VAL A 77 27.87 -8.92 -10.41
CA VAL A 77 27.38 -8.83 -9.05
C VAL A 77 28.18 -9.76 -8.14
N ASN A 78 28.43 -10.96 -8.61
CA ASN A 78 29.17 -11.96 -7.83
C ASN A 78 28.55 -12.20 -6.46
N THR A 79 29.36 -12.13 -5.41
CA THR A 79 28.85 -12.36 -4.06
C THR A 79 27.99 -11.20 -3.57
N GLY A 80 28.02 -10.08 -4.31
CA GLY A 80 27.18 -8.94 -3.97
C GLY A 80 27.89 -7.60 -4.05
N LEU A 81 27.15 -6.53 -3.78
CA LEU A 81 27.70 -5.19 -3.81
C LEU A 81 27.40 -4.48 -2.49
N PHE A 82 28.36 -3.73 -1.97
CA PHE A 82 28.19 -3.04 -0.70
C PHE A 82 28.04 -1.53 -0.90
N ARG A 83 26.86 -1.02 -0.57
CA ARG A 83 26.56 0.41 -0.74
C ARG A 83 27.07 0.89 -2.09
N TRP A 84 26.44 0.38 -3.14
CA TRP A 84 26.90 0.57 -4.50
C TRP A 84 26.09 1.64 -5.21
N VAL A 85 26.76 2.45 -6.02
CA VAL A 85 26.08 3.44 -6.85
C VAL A 85 26.33 3.14 -8.32
N ALA A 86 25.27 3.16 -9.11
CA ALA A 86 25.35 2.83 -10.53
C ALA A 86 26.03 3.95 -11.33
N PRO A 87 26.57 3.60 -12.51
CA PRO A 87 27.15 4.59 -13.41
C PRO A 87 26.08 5.58 -13.87
N ASN A 88 26.51 6.75 -14.34
CA ASN A 88 25.58 7.77 -14.81
C ASN A 88 24.63 7.23 -15.88
N ASN A 89 23.41 7.75 -15.89
CA ASN A 89 22.40 7.38 -16.87
C ASN A 89 21.92 5.93 -16.79
N VAL A 90 22.35 5.23 -15.75
CA VAL A 90 21.93 3.85 -15.51
C VAL A 90 20.78 3.79 -14.51
N GLN A 91 19.62 3.33 -14.95
CA GLN A 91 18.45 3.24 -14.08
C GLN A 91 17.44 2.23 -14.61
N GLY A 92 16.41 1.96 -13.82
CA GLY A 92 15.35 1.03 -14.20
C GLY A 92 15.30 -0.21 -13.33
N ALA A 93 14.36 -1.09 -13.63
CA ALA A 93 14.19 -2.32 -12.87
C ALA A 93 15.47 -3.15 -12.85
N ILE A 94 15.68 -3.87 -11.76
CA ILE A 94 16.86 -4.72 -11.65
C ILE A 94 16.52 -6.18 -11.96
N THR A 95 17.21 -6.72 -12.96
CA THR A 95 17.05 -8.14 -13.31
C THR A 95 18.34 -8.89 -13.01
N LEU A 96 18.22 -9.96 -12.21
CA LEU A 96 19.37 -10.77 -11.86
C LEU A 96 19.51 -11.95 -12.82
N ILE A 97 20.70 -12.13 -13.37
CA ILE A 97 20.92 -13.18 -14.36
C ILE A 97 22.13 -14.05 -14.05
N TYR A 98 21.97 -15.35 -14.25
CA TYR A 98 23.09 -16.29 -14.15
C TYR A 98 23.97 -16.11 -15.38
N ASN A 99 25.27 -15.95 -15.17
CA ASN A 99 26.18 -15.69 -16.28
C ASN A 99 26.54 -16.95 -17.07
N ASP A 100 25.99 -17.05 -18.28
CA ASP A 100 26.25 -18.20 -19.14
C ASP A 100 26.23 -17.78 -20.61
N VAL A 101 26.64 -18.70 -21.48
CA VAL A 101 26.60 -18.46 -22.91
C VAL A 101 25.16 -18.57 -23.42
N PRO A 102 24.71 -17.58 -24.19
CA PRO A 102 23.34 -17.55 -24.70
C PRO A 102 22.95 -18.86 -25.39
N GLY A 103 21.77 -19.38 -25.06
CA GLY A 103 21.25 -20.57 -25.72
C GLY A 103 21.65 -21.88 -25.07
N THR A 104 22.47 -21.80 -24.02
CA THR A 104 22.96 -23.02 -23.38
C THR A 104 22.41 -23.22 -21.97
N TYR A 105 21.46 -22.38 -21.57
CA TYR A 105 20.91 -22.42 -20.21
C TYR A 105 20.13 -23.70 -19.91
N GLY A 106 19.81 -24.46 -20.95
CA GLY A 106 18.99 -25.65 -20.83
C GLY A 106 19.47 -26.68 -19.82
N ASN A 107 20.78 -26.87 -19.71
CA ASN A 107 21.33 -27.89 -18.83
C ASN A 107 21.84 -27.33 -17.50
N ASN A 108 21.39 -26.12 -17.15
CA ASN A 108 21.77 -25.51 -15.88
C ASN A 108 20.94 -26.02 -14.72
N SER A 109 21.52 -25.98 -13.52
CA SER A 109 20.80 -26.39 -12.31
C SER A 109 21.26 -25.57 -11.10
N GLY A 110 20.50 -25.66 -10.03
CA GLY A 110 20.80 -24.89 -8.82
C GLY A 110 20.31 -23.46 -8.95
N SER A 111 20.61 -22.66 -7.94
CA SER A 111 20.17 -21.27 -7.93
C SER A 111 20.89 -20.47 -6.86
N PHE A 112 20.77 -19.15 -6.94
CA PHE A 112 21.34 -18.27 -5.94
C PHE A 112 20.24 -17.56 -5.15
N SER A 113 20.33 -17.59 -3.83
CA SER A 113 19.43 -16.83 -2.98
C SER A 113 20.00 -15.44 -2.83
N VAL A 114 19.18 -14.41 -3.09
CA VAL A 114 19.68 -13.05 -3.14
C VAL A 114 18.83 -12.04 -2.37
N ASN A 115 19.50 -11.18 -1.61
CA ASN A 115 18.86 -10.05 -0.96
C ASN A 115 19.32 -8.73 -1.59
N ILE A 116 18.36 -7.87 -1.91
CA ILE A 116 18.67 -6.53 -2.39
C ILE A 116 17.95 -5.48 -1.56
N GLY A 117 18.72 -4.56 -0.99
CA GLY A 117 18.14 -3.47 -0.22
C GLY A 117 18.71 -2.13 -0.64
N LYS A 118 17.90 -1.09 -0.53
CA LYS A 118 18.38 0.26 -0.76
C LYS A 118 18.92 0.82 0.55
N ASP A 119 20.10 1.44 0.47
CA ASP A 119 20.71 2.05 1.64
C ASP A 119 20.34 3.53 1.71
N GLN A 120 20.70 4.17 2.81
CA GLN A 120 20.48 5.60 2.96
C GLN A 120 21.28 6.35 1.90
N SER A 121 20.81 7.55 1.56
CA SER A 121 21.48 8.35 0.54
C SER A 121 21.18 9.83 0.73
N ALA B 1 -15.16 -2.17 -17.33
CA ALA B 1 -15.35 -3.57 -17.71
C ALA B 1 -14.70 -3.85 -19.06
N TRP B 2 -13.81 -4.83 -19.09
CA TRP B 2 -13.12 -5.21 -20.32
C TRP B 2 -13.29 -6.69 -20.63
N LYS B 3 -13.52 -6.99 -21.91
CA LYS B 3 -13.60 -8.37 -22.36
C LYS B 3 -12.76 -8.51 -23.64
N GLY B 4 -12.01 -9.59 -23.75
CA GLY B 4 -11.19 -9.83 -24.91
C GLY B 4 -10.42 -11.13 -24.85
N GLU B 5 -9.59 -11.37 -25.86
CA GLU B 5 -8.81 -12.59 -25.95
C GLU B 5 -7.33 -12.34 -25.75
N VAL B 6 -6.65 -13.32 -25.17
CA VAL B 6 -5.20 -13.25 -24.99
C VAL B 6 -4.56 -14.44 -25.70
N LEU B 7 -3.96 -14.19 -26.85
CA LEU B 7 -3.32 -15.26 -27.62
C LEU B 7 -2.07 -15.78 -26.93
N ALA B 8 -1.88 -17.08 -26.95
CA ALA B 8 -0.74 -17.72 -26.30
C ALA B 8 0.58 -17.34 -26.96
N ASN B 9 0.54 -17.02 -28.25
CA ASN B 9 1.77 -16.68 -28.98
C ASN B 9 2.09 -15.18 -28.95
N ASN B 10 1.36 -14.43 -28.13
CA ASN B 10 1.57 -12.99 -28.02
C ASN B 10 2.54 -12.64 -26.91
N GLU B 11 3.83 -12.65 -27.21
CA GLU B 11 4.87 -12.43 -26.22
C GLU B 11 4.77 -11.08 -25.52
N ALA B 12 4.36 -10.05 -26.27
CA ALA B 12 4.24 -8.71 -25.71
C ALA B 12 3.05 -8.62 -24.77
N GLY B 13 2.06 -9.48 -24.98
CA GLY B 13 0.88 -9.51 -24.15
C GLY B 13 -0.27 -8.71 -24.73
N GLN B 14 -1.44 -8.82 -24.12
CA GLN B 14 -2.62 -8.10 -24.58
C GLN B 14 -2.94 -6.94 -23.63
N VAL B 15 -2.79 -5.72 -24.14
CA VAL B 15 -3.11 -4.54 -23.34
C VAL B 15 -4.62 -4.38 -23.23
N THR B 16 -5.11 -4.22 -22.00
CA THR B 16 -6.53 -4.03 -21.77
C THR B 16 -6.83 -2.55 -21.62
N SER B 17 -8.11 -2.20 -21.55
CA SER B 17 -8.52 -0.82 -21.35
C SER B 17 -8.60 -0.48 -19.87
N ILE B 18 -8.30 -1.47 -19.03
CA ILE B 18 -8.39 -1.28 -17.59
C ILE B 18 -7.15 -0.58 -17.05
N ILE B 19 -7.35 0.57 -16.42
CA ILE B 19 -6.28 1.26 -15.73
C ILE B 19 -6.45 1.08 -14.23
N TYR B 20 -5.60 0.25 -13.63
CA TYR B 20 -5.68 0.04 -12.19
C TYR B 20 -5.14 1.23 -11.42
N ASN B 21 -5.91 1.70 -10.45
CA ASN B 21 -5.52 2.84 -9.62
C ASN B 21 -5.43 2.43 -8.16
N PRO B 22 -4.60 3.15 -7.38
CA PRO B 22 -4.46 2.85 -5.95
C PRO B 22 -5.81 2.80 -5.26
N GLY B 23 -6.08 1.70 -4.55
CA GLY B 23 -7.33 1.54 -3.83
C GLY B 23 -8.36 0.73 -4.62
N ASP B 24 -8.11 0.53 -5.90
CA ASP B 24 -9.04 -0.21 -6.75
C ASP B 24 -9.20 -1.67 -6.35
N VAL B 25 -10.41 -2.18 -6.50
CA VAL B 25 -10.69 -3.59 -6.29
C VAL B 25 -11.16 -4.17 -7.61
N ILE B 26 -10.57 -5.28 -8.02
CA ILE B 26 -10.90 -5.86 -9.32
C ILE B 26 -11.19 -7.35 -9.25
N THR B 27 -11.97 -7.82 -10.22
CA THR B 27 -12.25 -9.24 -10.37
C THR B 27 -11.93 -9.67 -11.79
N ILE B 28 -11.26 -10.81 -11.92
CA ILE B 28 -10.89 -11.34 -13.22
C ILE B 28 -11.35 -12.78 -13.36
N VAL B 29 -11.90 -13.11 -14.53
CA VAL B 29 -12.29 -14.48 -14.82
C VAL B 29 -11.72 -14.89 -16.17
N ALA B 30 -10.90 -15.94 -16.19
CA ALA B 30 -10.26 -16.39 -17.41
C ALA B 30 -10.65 -17.81 -17.78
N ALA B 31 -10.93 -18.04 -19.05
CA ALA B 31 -11.28 -19.37 -19.54
C ALA B 31 -10.65 -19.63 -20.90
N GLY B 32 -10.72 -20.88 -21.35
CA GLY B 32 -10.20 -21.24 -22.65
C GLY B 32 -9.11 -22.30 -22.59
N TRP B 33 -8.49 -22.54 -23.75
CA TRP B 33 -7.44 -23.56 -23.86
C TRP B 33 -6.28 -23.05 -24.70
N ALA B 34 -5.06 -23.33 -24.24
CA ALA B 34 -3.87 -22.87 -24.93
C ALA B 34 -2.72 -23.83 -24.72
N SER B 35 -1.64 -23.67 -25.51
CA SER B 35 -0.48 -24.54 -25.41
C SER B 35 0.83 -23.79 -25.61
N TYR B 36 1.87 -24.28 -24.94
CA TYR B 36 3.20 -23.71 -25.07
C TYR B 36 4.07 -24.56 -26.01
N GLY B 37 3.42 -25.27 -26.92
CA GLY B 37 4.15 -26.10 -27.86
C GLY B 37 3.51 -27.45 -28.14
N PRO B 38 3.34 -28.28 -27.10
CA PRO B 38 2.73 -29.60 -27.25
C PRO B 38 1.39 -29.54 -27.97
N THR B 39 0.99 -30.64 -28.59
CA THR B 39 -0.30 -30.70 -29.28
C THR B 39 -1.44 -30.59 -28.27
N GLN B 40 -1.16 -30.98 -27.03
CA GLN B 40 -2.11 -30.89 -25.93
C GLN B 40 -2.29 -29.44 -25.48
N LYS B 41 -3.46 -29.13 -24.92
CA LYS B 41 -3.72 -27.78 -24.42
C LYS B 41 -4.10 -27.79 -22.94
N TRP B 42 -3.82 -26.68 -22.26
CA TRP B 42 -4.13 -26.55 -20.84
C TRP B 42 -5.00 -25.33 -20.56
N GLY B 43 -5.60 -25.29 -19.38
CA GLY B 43 -6.42 -24.17 -18.96
C GLY B 43 -5.58 -23.01 -18.46
N PRO B 44 -6.24 -21.94 -17.99
CA PRO B 44 -5.59 -20.72 -17.50
C PRO B 44 -4.61 -20.97 -16.36
N GLN B 45 -4.64 -22.15 -15.77
CA GLN B 45 -3.72 -22.50 -14.69
C GLN B 45 -2.41 -23.08 -15.20
N GLY B 46 -2.41 -23.50 -16.46
CA GLY B 46 -1.20 -24.00 -17.09
C GLY B 46 -0.94 -25.47 -16.82
N ASP B 47 0.32 -25.87 -16.97
CA ASP B 47 0.71 -27.27 -16.83
C ASP B 47 1.41 -27.51 -15.48
N ARG B 48 0.68 -28.12 -14.56
CA ARG B 48 1.20 -28.36 -13.21
C ARG B 48 2.39 -29.32 -13.17
N GLU B 49 2.57 -30.07 -14.25
CA GLU B 49 3.63 -31.08 -14.29
C GLU B 49 4.87 -30.62 -15.09
N HIS B 50 4.78 -29.43 -15.67
CA HIS B 50 5.90 -28.91 -16.46
C HIS B 50 6.91 -28.19 -15.59
N PRO B 51 8.20 -28.39 -15.86
CA PRO B 51 9.25 -27.70 -15.10
C PRO B 51 9.38 -26.24 -15.54
N ASP B 52 9.93 -25.40 -14.67
CA ASP B 52 10.13 -24.00 -15.00
C ASP B 52 11.49 -23.82 -15.69
N GLN B 53 11.47 -23.65 -17.00
CA GLN B 53 12.70 -23.51 -17.78
C GLN B 53 13.10 -22.05 -17.98
N GLY B 54 12.50 -21.16 -17.20
CA GLY B 54 12.81 -19.74 -17.28
C GLY B 54 11.61 -18.90 -17.66
N LEU B 55 10.47 -19.22 -17.06
CA LEU B 55 9.23 -18.52 -17.36
C LEU B 55 9.29 -17.06 -16.93
N ILE B 56 8.44 -16.23 -17.52
CA ILE B 56 8.37 -14.81 -17.16
C ILE B 56 7.83 -14.62 -15.76
N CYS B 57 7.06 -15.59 -15.27
CA CYS B 57 6.53 -15.55 -13.91
C CYS B 57 6.82 -16.85 -13.17
N HIS B 58 7.70 -16.78 -12.18
CA HIS B 58 8.10 -17.95 -11.41
C HIS B 58 7.01 -18.41 -10.44
N ASP B 59 5.99 -17.57 -10.25
CA ASP B 59 4.91 -17.86 -9.31
C ASP B 59 3.74 -18.55 -9.98
N ALA B 60 3.93 -18.98 -11.23
CA ALA B 60 2.85 -19.64 -11.96
C ALA B 60 3.39 -20.72 -12.90
N PHE B 61 2.59 -21.76 -13.10
CA PHE B 61 2.97 -22.85 -13.99
C PHE B 61 3.12 -22.35 -15.42
N CYS B 62 3.87 -23.11 -16.23
CA CYS B 62 3.99 -22.80 -17.64
C CYS B 62 2.64 -22.94 -18.31
N GLY B 63 2.29 -21.96 -19.14
CA GLY B 63 1.02 -21.98 -19.85
C GLY B 63 -0.12 -21.42 -19.03
N ALA B 64 0.20 -20.73 -17.93
CA ALA B 64 -0.81 -20.10 -17.09
C ALA B 64 -0.97 -18.64 -17.48
N LEU B 65 -2.09 -18.05 -17.10
CA LEU B 65 -2.33 -16.64 -17.38
C LEU B 65 -1.74 -15.76 -16.28
N VAL B 66 -0.95 -14.77 -16.66
CA VAL B 66 -0.42 -13.79 -15.72
C VAL B 66 -0.70 -12.40 -16.25
N MET B 67 -0.22 -11.39 -15.53
CA MET B 67 -0.46 -10.00 -15.95
C MET B 67 0.63 -9.07 -15.46
N LYS B 68 0.68 -7.88 -16.08
CA LYS B 68 1.52 -6.80 -15.59
C LYS B 68 0.64 -5.58 -15.38
N ILE B 69 0.95 -4.80 -14.34
CA ILE B 69 0.24 -3.56 -14.09
C ILE B 69 1.24 -2.41 -14.08
N GLY B 70 1.22 -1.60 -15.14
CA GLY B 70 2.18 -0.52 -15.27
C GLY B 70 3.60 -1.05 -15.35
N ASN B 71 4.46 -0.55 -14.47
CA ASN B 71 5.87 -0.93 -14.47
C ASN B 71 6.16 -2.13 -13.58
N SER B 72 5.10 -2.78 -13.09
CA SER B 72 5.25 -3.89 -12.17
C SER B 72 5.81 -5.12 -12.86
N GLY B 73 6.19 -6.12 -12.07
CA GLY B 73 6.59 -7.41 -12.60
C GLY B 73 5.35 -8.25 -12.87
N THR B 74 5.57 -9.52 -13.22
CA THR B 74 4.45 -10.41 -13.52
C THR B 74 3.67 -10.77 -12.26
N ILE B 75 2.35 -10.87 -12.40
CA ILE B 75 1.49 -11.27 -11.30
C ILE B 75 0.58 -12.41 -11.75
N PRO B 76 0.62 -13.53 -11.03
CA PRO B 76 -0.20 -14.69 -11.35
C PRO B 76 -1.69 -14.35 -11.40
N VAL B 77 -2.35 -14.74 -12.49
CA VAL B 77 -3.79 -14.54 -12.60
C VAL B 77 -4.52 -15.87 -12.55
N ASN B 78 -4.05 -16.83 -13.37
CA ASN B 78 -4.66 -18.15 -13.42
C ASN B 78 -6.12 -18.10 -13.85
N THR B 79 -6.98 -18.84 -13.16
CA THR B 79 -8.40 -18.86 -13.50
C THR B 79 -9.03 -17.49 -13.27
N GLY B 80 -8.37 -16.67 -12.47
CA GLY B 80 -8.86 -15.32 -12.22
C GLY B 80 -8.60 -14.84 -10.81
N LEU B 81 -9.03 -13.61 -10.53
CA LEU B 81 -8.90 -13.02 -9.21
C LEU B 81 -10.26 -12.55 -8.72
N PHE B 82 -10.54 -12.76 -7.44
CA PHE B 82 -11.83 -12.38 -6.86
C PHE B 82 -11.69 -11.19 -5.92
N ARG B 83 -12.26 -10.06 -6.30
CA ARG B 83 -12.18 -8.85 -5.48
C ARG B 83 -10.77 -8.67 -4.93
N TRP B 84 -9.86 -8.40 -5.84
CA TRP B 84 -8.43 -8.41 -5.56
C TRP B 84 -7.87 -6.98 -5.49
N VAL B 85 -6.95 -6.75 -4.57
CA VAL B 85 -6.30 -5.45 -4.44
C VAL B 85 -4.79 -5.59 -4.66
N ALA B 86 -4.24 -4.71 -5.49
CA ALA B 86 -2.83 -4.77 -5.85
C ALA B 86 -1.91 -4.36 -4.70
N PRO B 87 -0.67 -4.86 -4.72
CA PRO B 87 0.36 -4.46 -3.74
C PRO B 87 0.62 -2.96 -3.82
N ASN B 88 1.26 -2.40 -2.80
CA ASN B 88 1.52 -0.96 -2.75
C ASN B 88 2.35 -0.43 -3.93
N ASN B 89 2.13 0.83 -4.29
CA ASN B 89 2.79 1.43 -5.46
C ASN B 89 2.69 0.64 -6.77
N VAL B 90 1.57 -0.07 -6.95
CA VAL B 90 1.32 -0.77 -8.19
C VAL B 90 0.08 -0.23 -8.88
N GLN B 91 0.28 0.41 -10.03
CA GLN B 91 -0.86 0.93 -10.79
C GLN B 91 -0.46 1.18 -12.25
N GLY B 92 -1.47 1.38 -13.09
CA GLY B 92 -1.26 1.57 -14.51
C GLY B 92 -2.09 0.61 -15.33
N ALA B 93 -1.97 0.70 -16.64
CA ALA B 93 -2.71 -0.17 -17.55
C ALA B 93 -2.43 -1.64 -17.21
N ILE B 94 -3.45 -2.48 -17.37
CA ILE B 94 -3.31 -3.91 -17.13
C ILE B 94 -3.03 -4.65 -18.43
N THR B 95 -1.92 -5.38 -18.47
CA THR B 95 -1.58 -6.20 -19.63
C THR B 95 -1.62 -7.67 -19.25
N LEU B 96 -2.41 -8.45 -19.99
CA LEU B 96 -2.49 -9.88 -19.76
C LEU B 96 -1.46 -10.60 -20.63
N ILE B 97 -0.80 -11.60 -20.06
CA ILE B 97 0.27 -12.30 -20.76
C ILE B 97 0.27 -13.80 -20.48
N TYR B 98 0.45 -14.58 -21.54
CA TYR B 98 0.61 -16.03 -21.43
C TYR B 98 1.98 -16.34 -20.82
N ASN B 99 1.99 -17.17 -19.78
CA ASN B 99 3.24 -17.47 -19.08
C ASN B 99 4.10 -18.48 -19.84
N ASP B 100 5.20 -18.00 -20.41
CA ASP B 100 6.11 -18.84 -21.17
C ASP B 100 7.52 -18.30 -21.09
N VAL B 101 8.49 -19.08 -21.55
CA VAL B 101 9.87 -18.64 -21.60
C VAL B 101 10.05 -17.61 -22.72
N PRO B 102 10.64 -16.46 -22.39
CA PRO B 102 10.86 -15.40 -23.39
C PRO B 102 11.60 -15.92 -24.62
N GLY B 103 11.08 -15.61 -25.80
CA GLY B 103 11.72 -16.00 -27.04
C GLY B 103 11.23 -17.33 -27.58
N THR B 104 10.28 -17.94 -26.89
CA THR B 104 9.77 -19.24 -27.30
C THR B 104 8.27 -19.21 -27.62
N TYR B 105 7.70 -18.00 -27.66
CA TYR B 105 6.26 -17.85 -27.92
C TYR B 105 5.85 -18.24 -29.33
N GLY B 106 6.83 -18.36 -30.22
CA GLY B 106 6.56 -18.58 -31.62
C GLY B 106 5.66 -19.75 -31.95
N ASN B 107 5.82 -20.87 -31.24
CA ASN B 107 5.04 -22.06 -31.53
C ASN B 107 3.90 -22.28 -30.55
N ASN B 108 3.43 -21.20 -29.94
CA ASN B 108 2.27 -21.28 -29.05
C ASN B 108 0.98 -21.27 -29.86
N SER B 109 -0.10 -21.75 -29.25
CA SER B 109 -1.40 -21.77 -29.90
C SER B 109 -2.52 -21.67 -28.88
N GLY B 110 -3.74 -21.41 -29.36
CA GLY B 110 -4.87 -21.25 -28.49
C GLY B 110 -4.90 -19.86 -27.88
N SER B 111 -5.83 -19.65 -26.95
CA SER B 111 -5.96 -18.35 -26.30
C SER B 111 -6.89 -18.45 -25.10
N PHE B 112 -6.91 -17.38 -24.30
CA PHE B 112 -7.78 -17.31 -23.14
C PHE B 112 -8.78 -16.17 -23.28
N SER B 113 -10.05 -16.48 -23.06
CA SER B 113 -11.08 -15.45 -23.01
C SER B 113 -11.11 -14.89 -21.60
N VAL B 114 -11.06 -13.57 -21.47
CA VAL B 114 -10.94 -12.95 -20.16
C VAL B 114 -11.89 -11.78 -19.92
N ASN B 115 -12.46 -11.73 -18.72
CA ASN B 115 -13.23 -10.58 -18.28
C ASN B 115 -12.54 -9.88 -17.13
N ILE B 116 -12.49 -8.55 -17.18
CA ILE B 116 -11.95 -7.76 -16.09
C ILE B 116 -12.90 -6.62 -15.74
N GLY B 117 -13.21 -6.49 -14.46
CA GLY B 117 -14.07 -5.41 -14.01
C GLY B 117 -13.64 -4.89 -12.66
N LYS B 118 -13.93 -3.61 -12.40
CA LYS B 118 -13.66 -3.03 -11.10
C LYS B 118 -14.86 -3.25 -10.19
N ASP B 119 -14.58 -3.67 -8.96
CA ASP B 119 -15.63 -3.89 -7.98
C ASP B 119 -15.89 -2.62 -7.19
N GLN B 120 -16.89 -2.66 -6.32
CA GLN B 120 -17.15 -1.54 -5.42
C GLN B 120 -16.02 -1.44 -4.39
N SER B 121 -15.72 -0.23 -3.96
CA SER B 121 -14.68 0.00 -2.97
C SER B 121 -14.87 1.37 -2.31
N ALA C 1 31.63 1.94 9.40
CA ALA C 1 31.82 0.98 8.33
C ALA C 1 33.28 0.54 8.27
N TRP C 2 33.50 -0.73 7.94
CA TRP C 2 34.85 -1.28 7.89
C TRP C 2 35.10 -2.03 6.59
N LYS C 3 36.31 -1.89 6.06
CA LYS C 3 36.72 -2.64 4.87
C LYS C 3 38.16 -3.10 5.02
N GLY C 4 38.41 -4.37 4.69
CA GLY C 4 39.74 -4.94 4.80
C GLY C 4 39.82 -6.33 4.21
N GLU C 5 41.00 -6.93 4.27
CA GLU C 5 41.20 -8.28 3.77
C GLU C 5 41.39 -9.29 4.89
N VAL C 6 40.97 -10.52 4.63
CA VAL C 6 41.14 -11.62 5.58
C VAL C 6 41.99 -12.70 4.95
N LEU C 7 43.28 -12.72 5.27
CA LEU C 7 44.19 -13.70 4.71
C LEU C 7 43.85 -15.10 5.19
N ALA C 8 43.90 -16.07 4.28
CA ALA C 8 43.55 -17.44 4.57
C ALA C 8 44.51 -18.09 5.56
N ASN C 9 45.76 -17.63 5.55
CA ASN C 9 46.79 -18.20 6.40
C ASN C 9 46.83 -17.58 7.80
N ASN C 10 45.94 -16.63 8.05
CA ASN C 10 45.88 -15.96 9.35
C ASN C 10 44.98 -16.71 10.33
N GLU C 11 45.58 -17.60 11.11
CA GLU C 11 44.82 -18.45 12.03
C GLU C 11 44.17 -17.66 13.16
N ALA C 12 44.86 -16.62 13.63
CA ALA C 12 44.33 -15.80 14.72
C ALA C 12 43.07 -15.04 14.30
N GLY C 13 42.99 -14.72 13.01
CA GLY C 13 41.83 -14.01 12.49
C GLY C 13 42.06 -12.52 12.36
N GLN C 14 41.34 -11.88 11.43
CA GLN C 14 41.46 -10.46 11.21
C GLN C 14 40.46 -9.67 12.05
N VAL C 15 40.97 -8.89 13.00
CA VAL C 15 40.12 -8.06 13.84
C VAL C 15 39.67 -6.81 13.10
N THR C 16 38.37 -6.53 13.13
CA THR C 16 37.83 -5.36 12.47
C THR C 16 37.67 -4.20 13.46
N SER C 17 37.14 -3.08 12.98
CA SER C 17 36.88 -1.94 13.83
C SER C 17 35.43 -1.94 14.30
N ILE C 18 34.68 -2.94 13.87
CA ILE C 18 33.27 -3.04 14.22
C ILE C 18 33.07 -3.68 15.59
N ILE C 19 32.47 -2.94 16.50
CA ILE C 19 32.08 -3.48 17.80
C ILE C 19 30.58 -3.73 17.79
N TYR C 20 30.18 -4.99 17.71
CA TYR C 20 28.76 -5.33 17.70
C TYR C 20 28.13 -5.06 19.07
N ASN C 21 27.07 -4.28 19.08
CA ASN C 21 26.36 -3.94 20.30
C ASN C 21 24.95 -4.50 20.29
N PRO C 22 24.41 -4.83 21.48
CA PRO C 22 23.05 -5.37 21.57
C PRO C 22 22.06 -4.55 20.77
N GLY C 23 21.30 -5.22 19.91
CA GLY C 23 20.29 -4.55 19.10
C GLY C 23 20.79 -4.13 17.74
N ASP C 24 22.11 -4.13 17.57
CA ASP C 24 22.73 -3.73 16.30
C ASP C 24 22.24 -4.57 15.12
N VAL C 25 22.15 -3.94 13.96
CA VAL C 25 21.85 -4.65 12.72
C VAL C 25 23.00 -4.41 11.75
N ILE C 26 23.61 -5.49 11.28
CA ILE C 26 24.78 -5.37 10.41
C ILE C 26 24.62 -6.07 9.07
N THR C 27 25.35 -5.59 8.07
CA THR C 27 25.38 -6.21 6.75
C THR C 27 26.81 -6.48 6.33
N ILE C 28 27.09 -7.72 5.94
CA ILE C 28 28.43 -8.10 5.52
C ILE C 28 28.43 -8.58 4.08
N VAL C 29 29.46 -8.18 3.33
CA VAL C 29 29.68 -8.66 1.97
C VAL C 29 31.13 -9.10 1.82
N ALA C 30 31.33 -10.31 1.32
CA ALA C 30 32.67 -10.86 1.19
C ALA C 30 32.92 -11.44 -0.20
N ALA C 31 34.11 -11.22 -0.73
CA ALA C 31 34.48 -11.72 -2.05
C ALA C 31 35.96 -12.11 -2.09
N GLY C 32 36.36 -12.79 -3.16
CA GLY C 32 37.76 -13.15 -3.33
C GLY C 32 37.98 -14.64 -3.46
N TRP C 33 39.24 -15.03 -3.56
CA TRP C 33 39.60 -16.43 -3.74
C TRP C 33 40.69 -16.84 -2.75
N ALA C 34 40.50 -17.97 -2.09
CA ALA C 34 41.46 -18.47 -1.13
C ALA C 34 41.55 -19.98 -1.18
N SER C 35 42.57 -20.53 -0.52
CA SER C 35 42.77 -21.98 -0.51
C SER C 35 43.23 -22.48 0.85
N TYR C 36 42.81 -23.68 1.20
CA TYR C 36 43.23 -24.33 2.43
C TYR C 36 44.37 -25.29 2.18
N GLY C 37 45.12 -25.06 1.10
CA GLY C 37 46.24 -25.92 0.77
C GLY C 37 46.37 -26.24 -0.71
N PRO C 38 45.36 -26.90 -1.29
CA PRO C 38 45.37 -27.29 -2.70
C PRO C 38 45.66 -26.11 -3.63
N THR C 39 46.07 -26.40 -4.86
CA THR C 39 46.37 -25.35 -5.83
C THR C 39 45.11 -24.60 -6.22
N GLN C 40 43.98 -25.31 -6.23
CA GLN C 40 42.70 -24.69 -6.54
C GLN C 40 42.32 -23.70 -5.45
N LYS C 41 41.40 -22.81 -5.76
CA LYS C 41 40.90 -21.84 -4.78
C LYS C 41 39.37 -21.78 -4.77
N TRP C 42 38.80 -21.43 -3.63
CA TRP C 42 37.36 -21.37 -3.48
C TRP C 42 36.92 -20.00 -2.99
N GLY C 43 35.63 -19.69 -3.18
CA GLY C 43 35.06 -18.45 -2.71
C GLY C 43 34.80 -18.48 -1.22
N PRO C 44 34.13 -17.45 -0.69
CA PRO C 44 33.85 -17.31 0.75
C PRO C 44 32.95 -18.42 1.30
N GLN C 45 32.34 -19.21 0.43
CA GLN C 45 31.51 -20.32 0.88
C GLN C 45 32.32 -21.60 1.08
N GLY C 46 33.57 -21.57 0.65
CA GLY C 46 34.47 -22.70 0.84
C GLY C 46 34.28 -23.85 -0.13
N ASP C 47 34.87 -24.99 0.20
CA ASP C 47 34.82 -26.18 -0.64
C ASP C 47 33.71 -27.12 -0.19
N ARG C 48 32.64 -27.18 -0.96
CA ARG C 48 31.46 -27.97 -0.59
C ARG C 48 31.68 -29.48 -0.69
N GLU C 49 32.82 -29.88 -1.25
CA GLU C 49 33.11 -31.30 -1.43
C GLU C 49 34.18 -31.83 -0.49
N HIS C 50 34.70 -30.95 0.37
CA HIS C 50 35.77 -31.32 1.28
C HIS C 50 35.19 -31.72 2.63
N PRO C 51 35.71 -32.83 3.21
CA PRO C 51 35.23 -33.30 4.51
C PRO C 51 35.64 -32.36 5.65
N ASP C 52 34.94 -32.45 6.77
CA ASP C 52 35.25 -31.66 7.95
C ASP C 52 36.24 -32.41 8.84
N GLN C 53 37.49 -31.97 8.85
CA GLN C 53 38.53 -32.67 9.59
C GLN C 53 38.90 -31.94 10.88
N GLY C 54 37.92 -31.31 11.51
CA GLY C 54 38.13 -30.61 12.76
C GLY C 54 38.20 -29.11 12.58
N LEU C 55 37.32 -28.57 11.74
CA LEU C 55 37.30 -27.14 11.46
C LEU C 55 36.94 -26.31 12.69
N ILE C 56 37.28 -25.04 12.67
CA ILE C 56 36.93 -24.15 13.77
C ILE C 56 35.43 -23.83 13.75
N CYS C 57 34.80 -24.09 12.60
CA CYS C 57 33.36 -23.92 12.46
C CYS C 57 32.75 -25.09 11.72
N HIS C 58 31.93 -25.88 12.40
CA HIS C 58 31.34 -27.07 11.81
C HIS C 58 30.05 -26.73 11.07
N ASP C 59 29.65 -25.47 11.12
CA ASP C 59 28.45 -25.01 10.42
C ASP C 59 28.79 -24.40 9.07
N ALA C 60 30.02 -24.60 8.62
CA ALA C 60 30.46 -24.09 7.33
C ALA C 60 31.54 -24.99 6.74
N PHE C 61 31.67 -24.96 5.41
CA PHE C 61 32.65 -25.79 4.72
C PHE C 61 34.07 -25.30 4.98
N CYS C 62 35.03 -26.20 4.82
CA CYS C 62 36.43 -25.84 4.91
C CYS C 62 36.74 -24.77 3.85
N GLY C 63 37.34 -23.67 4.27
CA GLY C 63 37.70 -22.60 3.35
C GLY C 63 36.63 -21.52 3.24
N ALA C 64 35.65 -21.57 4.13
CA ALA C 64 34.61 -20.54 4.17
C ALA C 64 34.96 -19.44 5.15
N LEU C 65 34.35 -18.27 4.98
CA LEU C 65 34.55 -17.16 5.89
C LEU C 65 33.64 -17.29 7.11
N VAL C 66 34.24 -17.23 8.30
CA VAL C 66 33.47 -17.24 9.55
C VAL C 66 33.88 -16.05 10.42
N MET C 67 33.20 -15.88 11.54
CA MET C 67 33.52 -14.77 12.44
C MET C 67 33.28 -15.12 13.91
N LYS C 68 33.89 -14.33 14.79
CA LYS C 68 33.60 -14.39 16.21
C LYS C 68 33.21 -13.00 16.67
N ILE C 69 32.22 -12.93 17.56
CA ILE C 69 31.82 -11.66 18.15
C ILE C 69 32.13 -11.66 19.63
N GLY C 70 33.20 -10.97 20.00
CA GLY C 70 33.65 -10.95 21.38
C GLY C 70 34.20 -12.30 21.80
N ASN C 71 33.50 -12.96 22.72
CA ASN C 71 33.94 -14.26 23.22
C ASN C 71 33.07 -15.40 22.74
N SER C 72 32.26 -15.12 21.71
CA SER C 72 31.35 -16.11 21.17
C SER C 72 32.12 -17.14 20.34
N GLY C 73 31.44 -18.25 20.02
CA GLY C 73 32.02 -19.25 19.14
C GLY C 73 31.93 -18.80 17.70
N THR C 74 32.49 -19.59 16.80
CA THR C 74 32.49 -19.25 15.38
C THR C 74 31.07 -19.18 14.81
N ILE C 75 30.86 -18.23 13.91
CA ILE C 75 29.57 -18.02 13.27
C ILE C 75 29.75 -17.90 11.77
N PRO C 76 29.00 -18.69 10.99
CA PRO C 76 29.12 -18.72 9.53
C PRO C 76 28.84 -17.36 8.89
N VAL C 77 29.76 -16.89 8.06
CA VAL C 77 29.57 -15.65 7.32
C VAL C 77 29.37 -15.94 5.85
N ASN C 78 30.19 -16.84 5.32
CA ASN C 78 30.15 -17.17 3.89
C ASN C 78 30.25 -15.93 3.01
N THR C 79 29.34 -15.79 2.06
CA THR C 79 29.36 -14.65 1.15
C THR C 79 28.95 -13.36 1.85
N GLY C 80 28.32 -13.48 3.01
CA GLY C 80 27.92 -12.31 3.78
C GLY C 80 26.59 -12.44 4.50
N LEU C 81 26.20 -11.37 5.20
CA LEU C 81 24.96 -11.35 5.96
C LEU C 81 24.17 -10.07 5.65
N PHE C 82 22.87 -10.23 5.45
CA PHE C 82 22.03 -9.09 5.08
C PHE C 82 21.12 -8.65 6.22
N ARG C 83 21.37 -7.45 6.73
CA ARG C 83 20.59 -6.91 7.85
C ARG C 83 20.38 -7.98 8.90
N TRP C 84 21.50 -8.41 9.49
CA TRP C 84 21.54 -9.57 10.36
C TRP C 84 21.66 -9.16 11.83
N VAL C 85 20.89 -9.82 12.69
CA VAL C 85 20.94 -9.55 14.12
C VAL C 85 21.51 -10.74 14.88
N ALA C 86 22.45 -10.47 15.77
CA ALA C 86 23.12 -11.52 16.53
C ALA C 86 22.18 -12.13 17.57
N PRO C 87 22.49 -13.37 18.00
CA PRO C 87 21.74 -14.03 19.07
C PRO C 87 21.90 -13.30 20.39
N ASN C 88 21.01 -13.59 21.35
CA ASN C 88 21.07 -12.96 22.66
C ASN C 88 22.40 -13.18 23.35
N ASN C 89 22.89 -12.14 24.03
CA ASN C 89 24.13 -12.22 24.80
C ASN C 89 25.41 -12.19 23.95
N VAL C 90 25.24 -12.06 22.64
CA VAL C 90 26.39 -12.00 21.74
C VAL C 90 26.79 -10.55 21.44
N GLN C 91 27.99 -10.18 21.85
CA GLN C 91 28.46 -8.81 21.69
C GLN C 91 29.98 -8.73 21.74
N GLY C 92 30.53 -7.61 21.28
CA GLY C 92 31.97 -7.40 21.28
C GLY C 92 32.52 -7.15 19.89
N ALA C 93 33.84 -7.14 19.77
CA ALA C 93 34.50 -6.89 18.50
C ALA C 93 34.29 -8.04 17.53
N ILE C 94 34.14 -7.71 16.25
CA ILE C 94 33.97 -8.71 15.20
C ILE C 94 35.32 -9.12 14.61
N THR C 95 35.65 -10.41 14.73
CA THR C 95 36.88 -10.94 14.16
C THR C 95 36.56 -11.90 13.02
N LEU C 96 37.06 -11.58 11.82
CA LEU C 96 36.84 -12.42 10.66
C LEU C 96 37.95 -13.48 10.56
N ILE C 97 37.55 -14.74 10.36
CA ILE C 97 38.50 -15.83 10.32
C ILE C 97 38.23 -16.80 9.18
N TYR C 98 39.31 -17.31 8.59
CA TYR C 98 39.23 -18.32 7.54
C TYR C 98 38.96 -19.68 8.20
N ASN C 99 37.93 -20.38 7.72
CA ASN C 99 37.56 -21.66 8.32
C ASN C 99 38.50 -22.79 7.94
N ASP C 100 39.32 -23.22 8.90
CA ASP C 100 40.29 -24.28 8.65
C ASP C 100 40.56 -25.05 9.94
N VAL C 101 41.22 -26.19 9.80
CA VAL C 101 41.62 -26.97 10.98
C VAL C 101 42.78 -26.26 11.68
N PRO C 102 42.65 -26.06 13.00
CA PRO C 102 43.68 -25.40 13.78
C PRO C 102 45.06 -26.03 13.59
N GLY C 103 46.08 -25.21 13.43
CA GLY C 103 47.45 -25.69 13.30
C GLY C 103 47.82 -26.08 11.89
N THR C 104 46.94 -25.84 10.93
CA THR C 104 47.20 -26.21 9.55
C THR C 104 47.19 -25.02 8.60
N TYR C 105 46.97 -23.82 9.15
CA TYR C 105 46.88 -22.61 8.34
C TYR C 105 48.18 -22.29 7.58
N GLY C 106 49.26 -22.96 7.96
CA GLY C 106 50.57 -22.71 7.38
C GLY C 106 50.61 -22.70 5.87
N ASN C 107 49.89 -23.64 5.24
CA ASN C 107 49.94 -23.80 3.79
C ASN C 107 48.77 -23.15 3.06
N ASN C 108 48.16 -22.13 3.67
CA ASN C 108 47.05 -21.43 3.05
C ASN C 108 47.50 -20.27 2.17
N SER C 109 46.65 -19.89 1.23
CA SER C 109 46.94 -18.77 0.35
C SER C 109 45.66 -18.05 -0.06
N GLY C 110 45.80 -16.83 -0.56
CA GLY C 110 44.66 -16.04 -0.98
C GLY C 110 44.01 -15.32 0.19
N SER C 111 42.94 -14.60 -0.09
CA SER C 111 42.24 -13.84 0.94
C SER C 111 40.88 -13.40 0.46
N PHE C 112 40.09 -12.82 1.37
CA PHE C 112 38.77 -12.30 1.03
C PHE C 112 38.72 -10.80 1.27
N SER C 113 38.12 -10.07 0.34
CA SER C 113 37.84 -8.66 0.53
C SER C 113 36.47 -8.53 1.17
N VAL C 114 36.41 -7.94 2.36
CA VAL C 114 35.18 -7.92 3.13
C VAL C 114 34.75 -6.52 3.55
N ASN C 115 33.44 -6.24 3.41
CA ASN C 115 32.86 -5.00 3.90
C ASN C 115 31.87 -5.28 5.02
N ILE C 116 31.94 -4.48 6.07
CA ILE C 116 30.99 -4.59 7.18
C ILE C 116 30.42 -3.21 7.51
N GLY C 117 29.10 -3.11 7.53
CA GLY C 117 28.44 -1.87 7.87
C GLY C 117 27.29 -2.10 8.83
N LYS C 118 26.95 -1.05 9.58
CA LYS C 118 25.80 -1.11 10.47
C LYS C 118 24.59 -0.47 9.80
N ASP C 119 23.47 -1.16 9.82
CA ASP C 119 22.25 -0.67 9.19
C ASP C 119 21.40 0.10 10.19
N GLN C 120 20.37 0.79 9.69
CA GLN C 120 19.54 1.61 10.55
C GLN C 120 18.63 0.73 11.41
N SER C 121 18.23 1.27 12.56
CA SER C 121 17.37 0.54 13.49
C SER C 121 16.96 1.44 14.64
N ALA D 1 21.28 13.11 -0.34
CA ALA D 1 20.92 13.98 0.77
C ALA D 1 21.09 15.44 0.38
N TRP D 2 20.20 16.30 0.90
CA TRP D 2 20.22 17.71 0.57
C TRP D 2 20.29 18.58 1.83
N LYS D 3 20.96 19.72 1.72
CA LYS D 3 21.04 20.66 2.83
C LYS D 3 21.05 22.08 2.31
N GLY D 4 20.06 22.88 2.71
CA GLY D 4 19.96 24.25 2.27
C GLY D 4 19.00 25.09 3.11
N GLU D 5 18.89 26.37 2.75
CA GLU D 5 18.02 27.29 3.46
C GLU D 5 16.73 27.51 2.69
N VAL D 6 15.63 27.69 3.42
CA VAL D 6 14.36 28.02 2.81
C VAL D 6 13.89 29.39 3.32
N LEU D 7 14.04 30.40 2.48
CA LEU D 7 13.66 31.76 2.84
C LEU D 7 12.14 31.91 2.96
N ALA D 8 11.71 32.64 3.98
CA ALA D 8 10.29 32.84 4.22
C ALA D 8 9.64 33.70 3.13
N ASN D 9 10.45 34.54 2.48
CA ASN D 9 9.92 35.46 1.48
C ASN D 9 9.93 34.88 0.07
N ASN D 10 10.35 33.63 -0.06
CA ASN D 10 10.40 32.96 -1.35
C ASN D 10 9.09 32.25 -1.66
N GLU D 11 8.18 32.96 -2.32
CA GLU D 11 6.85 32.42 -2.60
C GLU D 11 6.90 31.17 -3.47
N ALA D 12 7.81 31.17 -4.45
CA ALA D 12 7.94 30.03 -5.36
C ALA D 12 8.42 28.78 -4.61
N GLY D 13 9.05 28.99 -3.47
CA GLY D 13 9.57 27.88 -2.69
C GLY D 13 10.99 27.51 -3.08
N GLN D 14 11.63 26.68 -2.29
CA GLN D 14 13.00 26.25 -2.55
C GLN D 14 13.02 24.84 -3.13
N VAL D 15 13.57 24.72 -4.34
CA VAL D 15 13.72 23.42 -4.98
C VAL D 15 14.93 22.69 -4.39
N THR D 16 14.73 21.45 -4.00
CA THR D 16 15.80 20.63 -3.47
C THR D 16 16.31 19.68 -4.55
N SER D 17 17.44 19.03 -4.27
CA SER D 17 18.01 18.07 -5.20
C SER D 17 17.39 16.69 -4.98
N ILE D 18 16.45 16.61 -4.05
CA ILE D 18 15.81 15.34 -3.71
C ILE D 18 14.63 15.04 -4.63
N ILE D 19 14.76 13.98 -5.42
CA ILE D 19 13.66 13.50 -6.25
C ILE D 19 13.01 12.31 -5.54
N TYR D 20 11.79 12.50 -5.06
CA TYR D 20 11.09 11.41 -4.38
C TYR D 20 10.57 10.37 -5.38
N ASN D 21 10.88 9.11 -5.10
CA ASN D 21 10.46 8.02 -5.97
C ASN D 21 9.57 7.02 -5.23
N PRO D 22 8.70 6.32 -5.96
CA PRO D 22 7.82 5.31 -5.36
C PRO D 22 8.62 4.34 -4.48
N GLY D 23 8.20 4.18 -3.23
CA GLY D 23 8.86 3.27 -2.31
C GLY D 23 9.89 3.95 -1.42
N ASP D 24 10.30 5.16 -1.79
CA ASP D 24 11.31 5.88 -1.03
C ASP D 24 10.87 6.21 0.39
N VAL D 25 11.80 6.09 1.33
CA VAL D 25 11.58 6.52 2.70
C VAL D 25 12.54 7.68 3.00
N ILE D 26 12.00 8.80 3.48
CA ILE D 26 12.82 9.97 3.72
C ILE D 26 12.68 10.51 5.14
N THR D 27 13.71 11.23 5.58
CA THR D 27 13.70 11.90 6.87
C THR D 27 14.05 13.37 6.70
N ILE D 28 13.25 14.24 7.31
CA ILE D 28 13.48 15.68 7.22
C ILE D 28 13.63 16.29 8.61
N VAL D 29 14.58 17.20 8.75
CA VAL D 29 14.76 17.95 9.99
C VAL D 29 14.92 19.43 9.69
N ALA D 30 14.01 20.24 10.22
CA ALA D 30 14.02 21.67 9.96
C ALA D 30 14.22 22.47 11.24
N ALA D 31 15.01 23.54 11.13
CA ALA D 31 15.27 24.42 12.27
C ALA D 31 15.38 25.87 11.80
N GLY D 32 15.37 26.80 12.76
CA GLY D 32 15.54 28.20 12.44
C GLY D 32 14.35 29.06 12.85
N TRP D 33 14.42 30.34 12.49
CA TRP D 33 13.37 31.28 12.85
C TRP D 33 12.93 32.12 11.65
N ALA D 34 11.62 32.25 11.49
CA ALA D 34 11.08 33.00 10.36
C ALA D 34 9.81 33.75 10.77
N SER D 35 9.39 34.69 9.92
CA SER D 35 8.19 35.47 10.20
C SER D 35 7.39 35.76 8.93
N TYR D 36 6.07 35.84 9.10
CA TYR D 36 5.17 36.14 8.00
C TYR D 36 4.73 37.59 8.04
N GLY D 37 5.51 38.44 8.69
CA GLY D 37 5.18 39.85 8.78
C GLY D 37 5.55 40.51 10.10
N PRO D 38 4.94 40.04 11.20
CA PRO D 38 5.20 40.61 12.53
C PRO D 38 6.70 40.64 12.85
N THR D 39 7.09 41.46 13.84
CA THR D 39 8.49 41.56 14.21
C THR D 39 8.94 40.36 15.04
N GLN D 40 7.99 39.54 15.47
CA GLN D 40 8.30 38.30 16.15
C GLN D 40 8.66 37.23 15.12
N LYS D 41 9.29 36.16 15.58
CA LYS D 41 9.64 35.05 14.71
C LYS D 41 9.24 33.71 15.32
N TRP D 42 8.81 32.77 14.48
CA TRP D 42 8.39 31.46 14.93
C TRP D 42 9.25 30.36 14.33
N GLY D 43 9.14 29.16 14.89
CA GLY D 43 9.87 28.01 14.39
C GLY D 43 9.14 27.35 13.22
N PRO D 44 9.69 26.23 12.73
CA PRO D 44 9.17 25.49 11.57
C PRO D 44 7.71 25.06 11.72
N GLN D 45 7.18 25.12 12.95
CA GLN D 45 5.80 24.74 13.20
C GLN D 45 4.83 25.91 13.03
N GLY D 46 5.39 27.12 12.90
CA GLY D 46 4.58 28.30 12.65
C GLY D 46 3.95 28.92 13.89
N ASP D 47 2.88 29.69 13.67
CA ASP D 47 2.20 30.40 14.76
C ASP D 47 0.88 29.70 15.11
N ARG D 48 0.88 28.96 16.21
CA ARG D 48 -0.28 28.18 16.62
C ARG D 48 -1.47 29.04 17.01
N GLU D 49 -1.28 30.35 17.08
CA GLU D 49 -2.34 31.26 17.49
C GLU D 49 -2.93 32.03 16.33
N HIS D 50 -2.25 32.00 15.18
CA HIS D 50 -2.69 32.76 14.01
C HIS D 50 -3.82 32.05 13.28
N PRO D 51 -4.79 32.83 12.77
CA PRO D 51 -5.90 32.27 12.01
C PRO D 51 -5.50 31.98 10.56
N ASP D 52 -6.26 31.11 9.90
CA ASP D 52 -5.98 30.77 8.51
C ASP D 52 -6.74 31.70 7.58
N GLN D 53 -6.02 32.62 6.95
CA GLN D 53 -6.63 33.61 6.07
C GLN D 53 -6.47 33.25 4.60
N GLY D 54 -6.20 31.97 4.33
CA GLY D 54 -6.01 31.50 2.96
C GLY D 54 -4.60 31.02 2.71
N LEU D 55 -4.08 30.22 3.65
CA LEU D 55 -2.74 29.66 3.54
C LEU D 55 -2.66 28.65 2.40
N ILE D 56 -1.46 28.47 1.86
CA ILE D 56 -1.26 27.48 0.81
C ILE D 56 -1.46 26.07 1.35
N CYS D 57 -1.37 25.93 2.67
CA CYS D 57 -1.61 24.64 3.32
C CYS D 57 -2.51 24.81 4.55
N HIS D 58 -3.72 24.28 4.47
CA HIS D 58 -4.70 24.43 5.54
C HIS D 58 -4.48 23.45 6.67
N ASP D 59 -3.50 22.57 6.53
CA ASP D 59 -3.24 21.55 7.55
C ASP D 59 -2.03 21.91 8.41
N ALA D 60 -1.52 23.12 8.23
CA ALA D 60 -0.40 23.60 9.03
C ALA D 60 -0.59 25.06 9.41
N PHE D 61 0.01 25.47 10.52
CA PHE D 61 -0.09 26.84 10.99
C PHE D 61 0.62 27.80 10.02
N CYS D 62 0.21 29.06 10.05
CA CYS D 62 0.88 30.09 9.27
C CYS D 62 2.31 30.23 9.79
N GLY D 63 3.27 30.26 8.86
CA GLY D 63 4.67 30.35 9.23
C GLY D 63 5.34 29.00 9.35
N ALA D 64 4.58 27.94 9.06
CA ALA D 64 5.11 26.58 9.15
C ALA D 64 5.81 26.17 7.86
N LEU D 65 6.70 25.18 7.96
CA LEU D 65 7.36 24.64 6.79
C LEU D 65 6.51 23.55 6.16
N VAL D 66 6.26 23.67 4.85
CA VAL D 66 5.54 22.65 4.11
C VAL D 66 6.31 22.31 2.84
N MET D 67 5.84 21.33 2.09
CA MET D 67 6.52 20.93 0.86
C MET D 67 5.53 20.55 -0.23
N LYS D 68 6.05 20.48 -1.46
CA LYS D 68 5.32 19.93 -2.59
C LYS D 68 6.18 18.87 -3.23
N ILE D 69 5.58 17.70 -3.50
CA ILE D 69 6.30 16.64 -4.21
C ILE D 69 5.76 16.53 -5.64
N GLY D 70 6.54 17.00 -6.60
CA GLY D 70 6.11 17.02 -7.98
C GLY D 70 4.98 18.00 -8.18
N ASN D 71 3.84 17.50 -8.67
CA ASN D 71 2.67 18.32 -8.90
C ASN D 71 1.61 18.14 -7.81
N SER D 72 2.03 17.60 -6.67
CA SER D 72 1.12 17.36 -5.56
C SER D 72 0.76 18.65 -4.85
N GLY D 73 -0.29 18.61 -4.05
CA GLY D 73 -0.66 19.73 -3.22
C GLY D 73 0.33 19.88 -2.08
N THR D 74 0.16 20.93 -1.27
CA THR D 74 1.07 21.16 -0.15
C THR D 74 0.95 20.03 0.89
N ILE D 75 2.08 19.68 1.50
CA ILE D 75 2.12 18.68 2.55
C ILE D 75 2.89 19.24 3.74
N PRO D 76 2.30 19.14 4.94
CA PRO D 76 2.93 19.68 6.16
C PRO D 76 4.27 19.02 6.43
N VAL D 77 5.26 19.84 6.79
CA VAL D 77 6.57 19.33 7.18
C VAL D 77 6.89 19.70 8.63
N ASN D 78 6.59 20.95 8.98
CA ASN D 78 6.88 21.46 10.31
C ASN D 78 8.33 21.26 10.70
N THR D 79 8.57 20.64 11.85
CA THR D 79 9.93 20.41 12.32
C THR D 79 10.61 19.28 11.54
N GLY D 80 9.82 18.52 10.79
CA GLY D 80 10.36 17.46 9.97
C GLY D 80 9.55 16.19 9.94
N LEU D 81 10.06 15.19 9.22
CA LEU D 81 9.39 13.91 9.09
C LEU D 81 10.38 12.78 9.38
N PHE D 82 9.92 11.76 10.10
CA PHE D 82 10.78 10.66 10.49
C PHE D 82 10.46 9.39 9.70
N ARG D 83 11.41 8.94 8.89
CA ARG D 83 11.22 7.74 8.08
C ARG D 83 9.83 7.72 7.46
N TRP D 84 9.59 8.71 6.59
CA TRP D 84 8.27 9.02 6.08
C TRP D 84 8.06 8.50 4.65
N VAL D 85 6.90 7.91 4.41
CA VAL D 85 6.54 7.44 3.08
C VAL D 85 5.39 8.28 2.52
N ALA D 86 5.53 8.70 1.27
CA ALA D 86 4.52 9.54 0.64
C ALA D 86 3.26 8.76 0.28
N PRO D 87 2.13 9.46 0.14
CA PRO D 87 0.89 8.84 -0.32
C PRO D 87 1.05 8.27 -1.73
N ASN D 88 0.22 7.29 -2.08
CA ASN D 88 0.29 6.67 -3.40
C ASN D 88 0.31 7.68 -4.55
N ASN D 89 1.04 7.32 -5.61
CA ASN D 89 1.11 8.14 -6.81
C ASN D 89 1.93 9.43 -6.66
N VAL D 90 2.19 9.83 -5.43
CA VAL D 90 2.98 11.04 -5.19
C VAL D 90 4.46 10.80 -5.46
N GLN D 91 5.02 11.60 -6.36
CA GLN D 91 6.43 11.47 -6.72
C GLN D 91 6.93 12.72 -7.43
N GLY D 92 8.25 12.85 -7.55
CA GLY D 92 8.86 14.00 -8.20
C GLY D 92 9.75 14.79 -7.28
N ALA D 93 10.32 15.88 -7.80
CA ALA D 93 11.20 16.73 -7.02
C ALA D 93 10.50 17.27 -5.77
N ILE D 94 11.27 17.47 -4.71
CA ILE D 94 10.73 18.04 -3.48
C ILE D 94 11.02 19.52 -3.38
N THR D 95 9.96 20.33 -3.31
CA THR D 95 10.09 21.77 -3.14
C THR D 95 9.61 22.16 -1.76
N LEU D 96 10.49 22.81 -0.98
CA LEU D 96 10.15 23.27 0.36
C LEU D 96 9.58 24.69 0.29
N ILE D 97 8.47 24.91 1.00
CA ILE D 97 7.80 26.20 0.95
C ILE D 97 7.37 26.69 2.33
N TYR D 98 7.53 28.00 2.54
CA TYR D 98 7.06 28.65 3.76
C TYR D 98 5.56 28.84 3.66
N ASN D 99 4.83 28.41 4.70
CA ASN D 99 3.36 28.46 4.67
C ASN D 99 2.83 29.88 4.90
N ASP D 100 2.20 30.44 3.87
CA ASP D 100 1.67 31.79 3.96
C ASP D 100 0.57 32.01 2.93
N VAL D 101 -0.08 33.16 2.99
CA VAL D 101 -1.14 33.51 2.04
C VAL D 101 -0.52 34.01 0.73
N PRO D 102 -0.94 33.43 -0.40
CA PRO D 102 -0.41 33.81 -1.71
C PRO D 102 -0.47 35.31 -1.94
N GLY D 103 0.63 35.91 -2.37
CA GLY D 103 0.68 37.33 -2.67
C GLY D 103 1.01 38.20 -1.48
N THR D 104 1.39 37.57 -0.37
CA THR D 104 1.72 38.31 0.85
C THR D 104 3.15 38.09 1.29
N TYR D 105 3.86 37.20 0.61
CA TYR D 105 5.23 36.84 0.99
C TYR D 105 6.18 38.03 1.05
N GLY D 106 5.76 39.15 0.47
CA GLY D 106 6.62 40.33 0.38
C GLY D 106 7.25 40.77 1.69
N ASN D 107 6.45 40.87 2.74
CA ASN D 107 6.92 41.39 4.02
C ASN D 107 7.47 40.31 4.95
N ASN D 108 7.92 39.20 4.39
CA ASN D 108 8.46 38.10 5.18
C ASN D 108 9.97 38.18 5.38
N SER D 109 10.44 37.62 6.49
CA SER D 109 11.86 37.63 6.81
C SER D 109 12.25 36.33 7.49
N GLY D 110 13.56 36.07 7.58
CA GLY D 110 14.06 34.87 8.20
C GLY D 110 14.09 33.69 7.25
N SER D 111 14.50 32.53 7.77
CA SER D 111 14.59 31.33 6.95
C SER D 111 14.69 30.09 7.82
N PHE D 112 14.52 28.92 7.21
CA PHE D 112 14.67 27.65 7.90
C PHE D 112 15.83 26.87 7.30
N SER D 113 16.67 26.32 8.18
CA SER D 113 17.75 25.42 7.76
C SER D 113 17.21 23.99 7.76
N VAL D 114 17.29 23.33 6.61
CA VAL D 114 16.65 22.03 6.45
C VAL D 114 17.60 20.94 5.92
N ASN D 115 17.50 19.75 6.51
CA ASN D 115 18.22 18.57 6.02
C ASN D 115 17.26 17.50 5.55
N ILE D 116 17.43 17.05 4.31
CA ILE D 116 16.63 15.95 3.79
C ILE D 116 17.52 14.78 3.39
N GLY D 117 17.14 13.58 3.80
CA GLY D 117 17.88 12.39 3.45
C GLY D 117 16.97 11.22 3.12
N LYS D 118 17.48 10.26 2.38
CA LYS D 118 16.74 9.04 2.10
C LYS D 118 17.16 7.94 3.06
N ASP D 119 16.17 7.23 3.62
CA ASP D 119 16.43 6.14 4.53
C ASP D 119 16.50 4.83 3.77
N GLN D 120 17.01 3.79 4.42
CA GLN D 120 17.12 2.49 3.75
C GLN D 120 15.74 1.90 3.56
N SER D 121 15.57 1.11 2.50
CA SER D 121 14.28 0.51 2.19
C SER D 121 14.44 -0.62 1.16
N ALA E 1 14.18 1.70 16.74
CA ALA E 1 13.74 3.09 16.84
C ALA E 1 12.87 3.30 18.08
N TRP E 2 12.82 4.53 18.55
CA TRP E 2 12.05 4.87 19.74
C TRP E 2 11.13 6.06 19.49
N LYS E 3 9.88 5.94 19.92
CA LYS E 3 8.94 7.04 19.84
C LYS E 3 8.20 7.18 21.17
N GLY E 4 8.05 8.42 21.62
CA GLY E 4 7.39 8.69 22.89
C GLY E 4 7.23 10.16 23.18
N GLU E 5 6.61 10.46 24.32
CA GLU E 5 6.36 11.84 24.73
C GLU E 5 7.31 12.29 25.82
N VAL E 6 7.66 13.57 25.81
CA VAL E 6 8.48 14.16 26.86
C VAL E 6 7.73 15.31 27.49
N LEU E 7 7.16 15.08 28.68
CA LEU E 7 6.39 16.12 29.36
C LEU E 7 7.28 17.26 29.84
N ALA E 8 6.78 18.47 29.70
CA ALA E 8 7.54 19.66 30.07
C ALA E 8 7.77 19.77 31.57
N ASN E 9 6.91 19.12 32.36
CA ASN E 9 7.02 19.18 33.81
C ASN E 9 7.82 18.02 34.41
N ASN E 10 8.35 17.16 33.55
CA ASN E 10 9.15 16.02 33.99
C ASN E 10 10.60 16.40 34.20
N GLU E 11 10.94 16.84 35.40
CA GLU E 11 12.28 17.34 35.71
C GLU E 11 13.36 16.28 35.55
N ALA E 12 13.05 15.05 35.95
CA ALA E 12 14.01 13.95 35.86
C ALA E 12 14.30 13.59 34.40
N GLY E 13 13.36 13.92 33.52
CA GLY E 13 13.52 13.64 32.10
C GLY E 13 12.92 12.30 31.70
N GLN E 14 12.73 12.11 30.40
CA GLN E 14 12.17 10.87 29.88
C GLN E 14 13.27 9.96 29.35
N VAL E 15 13.48 8.84 30.03
CA VAL E 15 14.43 7.84 29.57
C VAL E 15 13.87 7.09 28.38
N THR E 16 14.69 6.92 27.34
CA THR E 16 14.26 6.18 26.16
C THR E 16 14.92 4.80 26.12
N SER E 17 14.50 3.97 25.18
CA SER E 17 15.07 2.63 25.04
C SER E 17 16.33 2.67 24.18
N ILE E 18 16.69 3.87 23.72
CA ILE E 18 17.86 4.04 22.87
C ILE E 18 19.15 4.09 23.68
N ILE E 19 20.04 3.14 23.44
CA ILE E 19 21.35 3.12 24.09
C ILE E 19 22.42 3.56 23.11
N TYR E 20 22.92 4.78 23.27
CA TYR E 20 23.93 5.30 22.35
C TYR E 20 25.30 4.69 22.61
N ASN E 21 25.88 4.12 21.56
CA ASN E 21 27.21 3.53 21.63
C ASN E 21 28.21 4.29 20.77
N PRO E 22 29.50 4.24 21.14
CA PRO E 22 30.54 4.91 20.36
C PRO E 22 30.46 4.55 18.88
N GLY E 23 30.42 5.56 18.02
CA GLY E 23 30.37 5.33 16.59
C GLY E 23 28.97 5.44 16.02
N ASP E 24 27.96 5.33 16.88
CA ASP E 24 26.56 5.38 16.45
C ASP E 24 26.21 6.71 15.78
N VAL E 25 25.44 6.61 14.70
CA VAL E 25 24.87 7.78 14.05
C VAL E 25 23.38 7.77 14.31
N ILE E 26 22.84 8.87 14.80
CA ILE E 26 21.43 8.92 15.15
C ILE E 26 20.71 10.11 14.53
N THR E 27 19.41 9.93 14.32
CA THR E 27 18.56 11.01 13.85
C THR E 27 17.38 11.20 14.79
N ILE E 28 17.07 12.45 15.11
CA ILE E 28 15.98 12.77 16.02
C ILE E 28 15.06 13.83 15.43
N VAL E 29 13.76 13.61 15.54
CA VAL E 29 12.78 14.59 15.11
C VAL E 29 11.78 14.86 16.24
N ALA E 30 11.76 16.10 16.70
CA ALA E 30 10.88 16.49 17.81
C ALA E 30 9.79 17.43 17.34
N ALA E 31 8.59 17.28 17.91
CA ALA E 31 7.46 18.13 17.58
C ALA E 31 6.57 18.35 18.80
N GLY E 32 5.68 19.32 18.72
CA GLY E 32 4.74 19.57 19.79
C GLY E 32 4.83 20.97 20.37
N TRP E 33 4.05 21.22 21.42
CA TRP E 33 4.01 22.52 22.06
C TRP E 33 4.07 22.39 23.58
N ALA E 34 4.93 23.20 24.20
CA ALA E 34 5.11 23.15 25.65
C ALA E 34 5.37 24.54 26.23
N SER E 35 5.27 24.66 27.54
CA SER E 35 5.48 25.92 28.22
C SER E 35 6.25 25.76 29.53
N TYR E 36 7.04 26.78 29.86
CA TYR E 36 7.81 26.79 31.10
C TYR E 36 7.13 27.65 32.15
N GLY E 37 5.85 27.94 31.97
CA GLY E 37 5.12 28.77 32.91
C GLY E 37 4.04 29.61 32.28
N PRO E 38 4.41 30.48 31.33
CA PRO E 38 3.44 31.36 30.65
C PRO E 38 2.27 30.57 30.06
N THR E 39 1.22 31.29 29.67
CA THR E 39 0.03 30.64 29.12
C THR E 39 0.24 30.17 27.68
N GLN E 40 1.09 30.86 26.93
CA GLN E 40 1.38 30.46 25.56
C GLN E 40 2.40 29.34 25.54
N LYS E 41 2.52 28.67 24.39
CA LYS E 41 3.46 27.55 24.26
C LYS E 41 4.49 27.77 23.15
N TRP E 42 5.60 27.05 23.25
CA TRP E 42 6.68 27.15 22.27
C TRP E 42 7.03 25.76 21.73
N GLY E 43 7.70 25.75 20.58
CA GLY E 43 8.15 24.50 19.98
C GLY E 43 9.41 23.99 20.64
N PRO E 44 9.97 22.89 20.09
CA PRO E 44 11.16 22.25 20.65
C PRO E 44 12.38 23.17 20.67
N GLN E 45 12.29 24.32 20.00
CA GLN E 45 13.39 25.29 20.00
C GLN E 45 13.31 26.25 21.19
N GLY E 46 12.16 26.26 21.86
CA GLY E 46 11.98 27.08 23.04
C GLY E 46 11.65 28.53 22.74
N ASP E 47 11.92 29.40 23.71
CA ASP E 47 11.61 30.83 23.59
C ASP E 47 12.86 31.62 23.30
N ARG E 48 13.00 32.09 22.07
CA ARG E 48 14.21 32.81 21.64
C ARG E 48 14.37 34.15 22.35
N GLU E 49 13.34 34.60 23.06
CA GLU E 49 13.37 35.91 23.71
C GLU E 49 13.57 35.83 25.22
N HIS E 50 13.38 34.64 25.79
CA HIS E 50 13.50 34.47 27.24
C HIS E 50 14.96 34.43 27.67
N PRO E 51 15.28 35.08 28.80
CA PRO E 51 16.64 35.11 29.33
C PRO E 51 16.99 33.81 30.05
N ASP E 52 18.29 33.55 30.22
CA ASP E 52 18.75 32.35 30.90
C ASP E 52 18.92 32.63 32.39
N GLN E 53 18.03 32.06 33.20
CA GLN E 53 18.06 32.28 34.65
C GLN E 53 18.66 31.09 35.40
N GLY E 54 19.43 30.27 34.68
CA GLY E 54 20.07 29.11 35.29
C GLY E 54 19.55 27.80 34.74
N LEU E 55 19.34 27.77 33.43
CA LEU E 55 18.83 26.57 32.76
C LEU E 55 19.81 25.40 32.87
N ILE E 56 19.29 24.18 32.75
CA ILE E 56 20.13 22.98 32.78
C ILE E 56 21.01 22.91 31.54
N CYS E 57 20.59 23.60 30.50
CA CYS E 57 21.36 23.69 29.27
C CYS E 57 21.54 25.15 28.84
N HIS E 58 22.76 25.67 28.94
CA HIS E 58 23.03 27.05 28.60
C HIS E 58 23.25 27.23 27.09
N ASP E 59 23.31 26.11 26.38
CA ASP E 59 23.50 26.14 24.94
C ASP E 59 22.17 26.09 24.18
N ALA E 60 21.06 26.22 24.91
CA ALA E 60 19.74 26.19 24.31
C ALA E 60 18.77 27.13 25.02
N PHE E 61 17.76 27.59 24.28
CA PHE E 61 16.75 28.49 24.82
C PHE E 61 15.90 27.80 25.88
N CYS E 62 15.27 28.61 26.73
CA CYS E 62 14.33 28.11 27.71
C CYS E 62 13.12 27.51 27.00
N GLY E 63 12.77 26.28 27.35
CA GLY E 63 11.64 25.60 26.73
C GLY E 63 12.04 24.77 25.52
N ALA E 64 13.35 24.57 25.35
CA ALA E 64 13.85 23.77 24.25
C ALA E 64 14.10 22.33 24.67
N LEU E 65 14.09 21.43 23.71
CA LEU E 65 14.37 20.02 23.98
C LEU E 65 15.86 19.77 24.03
N VAL E 66 16.33 19.21 25.14
CA VAL E 66 17.74 18.82 25.27
C VAL E 66 17.79 17.35 25.69
N MET E 67 19.00 16.81 25.79
CA MET E 67 19.15 15.40 26.14
C MET E 67 20.44 15.13 26.92
N LYS E 68 20.50 13.95 27.52
CA LYS E 68 21.71 13.46 28.14
C LYS E 68 21.98 12.05 27.65
N ILE E 69 23.24 11.76 27.33
CA ILE E 69 23.63 10.41 26.95
C ILE E 69 24.37 9.77 28.11
N GLY E 70 23.73 8.78 28.73
CA GLY E 70 24.28 8.18 29.93
C GLY E 70 24.29 9.19 31.06
N ASN E 71 25.48 9.50 31.56
CA ASN E 71 25.61 10.49 32.63
C ASN E 71 26.41 11.71 32.19
N SER E 72 26.26 12.08 30.93
CA SER E 72 26.96 13.23 30.38
C SER E 72 26.20 14.51 30.70
N GLY E 73 26.78 15.64 30.31
CA GLY E 73 26.11 16.92 30.42
C GLY E 73 24.97 17.00 29.42
N THR E 74 24.14 18.02 29.56
CA THR E 74 23.02 18.19 28.64
C THR E 74 23.52 18.50 27.23
N ILE E 75 22.73 18.13 26.23
CA ILE E 75 23.08 18.38 24.83
C ILE E 75 21.88 18.92 24.07
N PRO E 76 22.05 20.09 23.42
CA PRO E 76 20.95 20.69 22.66
C PRO E 76 20.39 19.74 21.61
N VAL E 77 19.07 19.60 21.58
CA VAL E 77 18.41 18.78 20.57
C VAL E 77 17.54 19.64 19.67
N ASN E 78 16.77 20.54 20.30
CA ASN E 78 15.88 21.42 19.56
C ASN E 78 14.90 20.64 18.68
N THR E 79 14.73 21.07 17.44
CA THR E 79 13.81 20.39 16.53
C THR E 79 14.30 18.97 16.21
N GLY E 80 15.56 18.71 16.53
CA GLY E 80 16.11 17.37 16.35
C GLY E 80 17.52 17.36 15.83
N LEU E 81 18.02 16.16 15.51
CA LEU E 81 19.35 15.99 14.98
C LEU E 81 19.30 15.16 13.71
N PHE E 82 20.13 15.53 12.73
CA PHE E 82 20.17 14.79 11.46
C PHE E 82 21.47 14.03 11.32
N ARG E 83 21.38 12.71 11.35
CA ARG E 83 22.54 11.85 11.23
C ARG E 83 23.69 12.41 12.07
N TRP E 84 23.51 12.35 13.38
CA TRP E 84 24.39 13.03 14.33
C TRP E 84 25.32 12.05 15.01
N VAL E 85 26.57 12.47 15.21
CA VAL E 85 27.55 11.66 15.92
C VAL E 85 28.01 12.39 17.18
N ALA E 86 28.14 11.65 18.27
CA ALA E 86 28.45 12.24 19.57
C ALA E 86 29.89 12.76 19.67
N PRO E 87 30.11 13.73 20.57
CA PRO E 87 31.43 14.29 20.83
C PRO E 87 32.37 13.27 21.48
N ASN E 88 32.90 12.36 20.67
CA ASN E 88 33.88 11.38 21.13
C ASN E 88 33.46 10.50 22.31
N ASN E 89 32.91 9.33 21.99
CA ASN E 89 32.72 8.25 22.95
C ASN E 89 31.85 8.55 24.17
N VAL E 90 30.84 9.41 24.02
CA VAL E 90 29.84 9.54 25.06
C VAL E 90 28.88 8.36 24.92
N GLN E 91 28.62 7.67 26.02
CA GLN E 91 27.89 6.40 25.96
C GLN E 91 26.83 6.28 27.05
N GLY E 92 25.75 5.55 26.74
CA GLY E 92 24.69 5.30 27.69
C GLY E 92 23.31 5.53 27.12
N ALA E 93 22.29 5.26 27.93
CA ALA E 93 20.91 5.47 27.53
C ALA E 93 20.67 6.95 27.23
N ILE E 94 19.73 7.22 26.33
CA ILE E 94 19.38 8.60 25.99
C ILE E 94 18.19 9.09 26.80
N THR E 95 18.38 10.17 27.56
CA THR E 95 17.31 10.79 28.32
C THR E 95 16.93 12.13 27.72
N LEU E 96 15.65 12.28 27.37
CA LEU E 96 15.16 13.53 26.81
C LEU E 96 14.63 14.42 27.94
N ILE E 97 15.01 15.70 27.91
CA ILE E 97 14.69 16.60 29.01
C ILE E 97 14.27 17.99 28.51
N TYR E 98 13.19 18.50 29.08
CA TYR E 98 12.73 19.87 28.80
C TYR E 98 13.66 20.87 29.47
N ASN E 99 14.16 21.82 28.70
CA ASN E 99 15.13 22.79 29.20
C ASN E 99 14.49 23.85 30.08
N ASP E 100 14.80 23.82 31.38
CA ASP E 100 14.25 24.76 32.34
C ASP E 100 15.16 24.89 33.54
N VAL E 101 14.90 25.90 34.38
CA VAL E 101 15.65 26.09 35.61
C VAL E 101 15.27 25.02 36.63
N PRO E 102 16.28 24.33 37.19
CA PRO E 102 16.06 23.27 38.16
C PRO E 102 15.17 23.73 39.31
N GLY E 103 14.15 22.93 39.64
CA GLY E 103 13.28 23.22 40.76
C GLY E 103 12.07 24.06 40.39
N THR E 104 11.96 24.42 39.12
CA THR E 104 10.84 25.24 38.67
C THR E 104 9.93 24.50 37.68
N TYR E 105 10.21 23.21 37.49
CA TYR E 105 9.44 22.41 36.54
C TYR E 105 7.96 22.26 36.93
N GLY E 106 7.62 22.67 38.15
CA GLY E 106 6.29 22.47 38.69
C GLY E 106 5.13 23.07 37.92
N ASN E 107 5.36 24.22 37.29
CA ASN E 107 4.30 24.91 36.57
C ASN E 107 4.36 24.73 35.05
N ASN E 108 5.08 23.71 34.61
CA ASN E 108 5.20 23.44 33.18
C ASN E 108 4.01 22.65 32.63
N SER E 109 3.74 22.85 31.34
CA SER E 109 2.66 22.14 30.67
C SER E 109 3.05 21.78 29.25
N GLY E 110 2.25 20.93 28.61
CA GLY E 110 2.53 20.50 27.25
C GLY E 110 3.62 19.46 27.20
N SER E 111 3.98 19.04 25.99
CA SER E 111 5.01 18.02 25.82
C SER E 111 5.48 17.96 24.37
N PHE E 112 6.59 17.24 24.16
CA PHE E 112 7.13 17.05 22.83
C PHE E 112 7.04 15.59 22.42
N SER E 113 6.60 15.34 21.18
CA SER E 113 6.60 14.00 20.62
C SER E 113 7.92 13.81 19.88
N VAL E 114 8.62 12.73 20.19
CA VAL E 114 9.97 12.53 19.66
C VAL E 114 10.20 11.16 19.04
N ASN E 115 10.82 11.16 17.87
CA ASN E 115 11.30 9.93 17.25
C ASN E 115 12.83 9.88 17.30
N ILE E 116 13.38 8.75 17.70
CA ILE E 116 14.82 8.55 17.67
C ILE E 116 15.16 7.23 16.98
N GLY E 117 16.08 7.30 16.02
CA GLY E 117 16.50 6.12 15.30
C GLY E 117 17.99 6.13 15.00
N LYS E 118 18.58 4.95 14.96
CA LYS E 118 19.99 4.83 14.58
C LYS E 118 20.10 4.73 13.06
N ASP E 119 21.00 5.51 12.49
CA ASP E 119 21.22 5.52 11.05
C ASP E 119 22.29 4.51 10.68
N GLN E 120 22.51 4.34 9.39
CA GLN E 120 23.61 3.50 8.92
C GLN E 120 24.94 4.17 9.27
N SER E 121 25.89 3.35 9.68
CA SER E 121 27.21 3.87 10.06
C SER E 121 28.32 2.92 9.62
N ALA F 1 -32.04 -2.16 -10.29
CA ALA F 1 -31.95 -0.74 -9.98
C ALA F 1 -33.27 -0.05 -10.32
N TRP F 2 -33.72 0.82 -9.43
CA TRP F 2 -35.00 1.49 -9.61
C TRP F 2 -34.86 3.01 -9.46
N LYS F 3 -35.60 3.73 -10.30
CA LYS F 3 -35.66 5.19 -10.21
C LYS F 3 -37.08 5.66 -10.47
N GLY F 4 -37.58 6.56 -9.61
CA GLY F 4 -38.91 7.07 -9.76
C GLY F 4 -39.22 8.21 -8.80
N GLU F 5 -40.45 8.71 -8.86
CA GLU F 5 -40.89 9.80 -8.00
C GLU F 5 -41.84 9.28 -6.92
N VAL F 6 -41.76 9.88 -5.74
CA VAL F 6 -42.67 9.55 -4.65
C VAL F 6 -43.48 10.79 -4.28
N LEU F 7 -44.74 10.79 -4.69
CA LEU F 7 -45.62 11.92 -4.42
C LEU F 7 -45.99 12.01 -2.93
N ALA F 8 -45.94 13.23 -2.40
CA ALA F 8 -46.20 13.44 -0.98
C ALA F 8 -47.66 13.18 -0.61
N ASN F 9 -48.54 13.22 -1.61
CA ASN F 9 -49.96 13.03 -1.36
C ASN F 9 -50.41 11.59 -1.58
N ASN F 10 -49.45 10.71 -1.83
CA ASN F 10 -49.75 9.29 -2.04
C ASN F 10 -49.68 8.50 -0.75
N GLU F 11 -50.81 8.42 -0.05
CA GLU F 11 -50.88 7.77 1.25
C GLU F 11 -50.47 6.30 1.19
N ALA F 12 -50.83 5.62 0.11
CA ALA F 12 -50.50 4.22 -0.06
C ALA F 12 -49.00 4.03 -0.31
N GLY F 13 -48.36 5.05 -0.87
CA GLY F 13 -46.94 4.99 -1.15
C GLY F 13 -46.63 4.48 -2.54
N GLN F 14 -45.39 4.70 -2.97
CA GLN F 14 -44.95 4.26 -4.29
C GLN F 14 -44.20 2.93 -4.21
N VAL F 15 -44.76 1.90 -4.82
CA VAL F 15 -44.10 0.60 -4.86
C VAL F 15 -42.96 0.61 -5.87
N THR F 16 -41.86 -0.06 -5.55
CA THR F 16 -40.70 -0.11 -6.43
C THR F 16 -40.52 -1.51 -7.01
N SER F 17 -39.60 -1.63 -7.96
CA SER F 17 -39.31 -2.92 -8.59
C SER F 17 -38.28 -3.69 -7.77
N ILE F 18 -37.83 -3.08 -6.67
CA ILE F 18 -36.83 -3.70 -5.81
C ILE F 18 -37.47 -4.67 -4.81
N ILE F 19 -37.08 -5.93 -4.90
CA ILE F 19 -37.51 -6.94 -3.93
C ILE F 19 -36.35 -7.27 -3.00
N TYR F 20 -36.37 -6.72 -1.79
CA TYR F 20 -35.27 -6.93 -0.85
C TYR F 20 -35.26 -8.37 -0.33
N ASN F 21 -34.11 -9.03 -0.48
CA ASN F 21 -33.95 -10.40 -0.03
C ASN F 21 -32.93 -10.51 1.10
N PRO F 22 -33.05 -11.55 1.93
CA PRO F 22 -32.14 -11.74 3.06
C PRO F 22 -30.67 -11.65 2.64
N GLY F 23 -29.91 -10.79 3.30
CA GLY F 23 -28.50 -10.64 3.01
C GLY F 23 -28.19 -9.53 2.03
N ASP F 24 -29.21 -9.05 1.32
CA ASP F 24 -29.03 -7.99 0.34
C ASP F 24 -28.46 -6.72 0.96
N VAL F 25 -27.59 -6.05 0.20
CA VAL F 25 -27.06 -4.75 0.58
C VAL F 25 -27.57 -3.72 -0.43
N ILE F 26 -28.19 -2.66 0.07
CA ILE F 26 -28.81 -1.68 -0.81
C ILE F 26 -28.38 -0.25 -0.51
N THR F 27 -28.46 0.61 -1.52
CA THR F 27 -28.16 2.03 -1.35
C THR F 27 -29.30 2.86 -1.92
N ILE F 28 -29.75 3.85 -1.16
CA ILE F 28 -30.83 4.73 -1.60
C ILE F 28 -30.38 6.18 -1.58
N VAL F 29 -30.76 6.92 -2.62
CA VAL F 29 -30.50 8.36 -2.66
C VAL F 29 -31.79 9.08 -3.02
N ALA F 30 -32.19 10.05 -2.19
CA ALA F 30 -33.44 10.76 -2.39
C ALA F 30 -33.22 12.27 -2.40
N ALA F 31 -34.02 12.96 -3.21
CA ALA F 31 -33.91 14.42 -3.32
C ALA F 31 -35.24 15.03 -3.73
N GLY F 32 -35.36 16.34 -3.53
CA GLY F 32 -36.56 17.05 -3.93
C GLY F 32 -37.20 17.82 -2.79
N TRP F 33 -38.33 18.45 -3.09
CA TRP F 33 -39.04 19.27 -2.11
C TRP F 33 -40.51 18.86 -2.03
N ALA F 34 -41.02 18.75 -0.82
CA ALA F 34 -42.41 18.38 -0.61
C ALA F 34 -42.98 19.06 0.63
N SER F 35 -44.28 18.95 0.82
CA SER F 35 -44.95 19.58 1.96
C SER F 35 -46.08 18.72 2.50
N TYR F 36 -46.29 18.81 3.81
CA TYR F 36 -47.37 18.08 4.46
C TYR F 36 -48.59 18.97 4.67
N GLY F 37 -48.66 20.07 3.94
CA GLY F 37 -49.77 21.00 4.07
C GLY F 37 -49.39 22.46 3.87
N PRO F 38 -48.45 22.97 4.67
CA PRO F 38 -48.02 24.37 4.60
C PRO F 38 -47.53 24.78 3.21
N THR F 39 -47.39 26.08 2.96
CA THR F 39 -46.93 26.57 1.67
C THR F 39 -45.44 26.31 1.54
N GLN F 40 -44.75 26.24 2.69
CA GLN F 40 -43.33 25.95 2.71
C GLN F 40 -43.08 24.51 2.30
N LYS F 41 -41.85 24.23 1.87
CA LYS F 41 -41.46 22.88 1.49
C LYS F 41 -40.18 22.40 2.20
N TRP F 42 -40.11 21.10 2.43
CA TRP F 42 -38.97 20.50 3.13
C TRP F 42 -38.34 19.37 2.32
N GLY F 43 -37.10 19.04 2.66
CA GLY F 43 -36.38 17.97 1.99
C GLY F 43 -36.77 16.60 2.49
N PRO F 44 -36.06 15.55 2.04
CA PRO F 44 -36.34 14.16 2.40
C PRO F 44 -36.24 13.88 3.90
N GLN F 45 -35.67 14.83 4.65
CA GLN F 45 -35.55 14.67 6.10
C GLN F 45 -36.77 15.26 6.81
N GLY F 46 -37.60 15.97 6.07
CA GLY F 46 -38.83 16.54 6.61
C GLY F 46 -38.61 17.78 7.45
N ASP F 47 -39.58 18.06 8.32
CA ASP F 47 -39.56 19.26 9.16
C ASP F 47 -39.13 18.93 10.58
N ARG F 48 -37.92 19.37 10.95
CA ARG F 48 -37.35 19.04 12.24
C ARG F 48 -38.00 19.81 13.39
N GLU F 49 -38.84 20.80 13.06
CA GLU F 49 -39.48 21.62 14.08
C GLU F 49 -40.97 21.32 14.25
N HIS F 50 -41.48 20.39 13.47
CA HIS F 50 -42.88 20.02 13.54
C HIS F 50 -43.09 18.84 14.51
N PRO F 51 -44.16 18.91 15.32
CA PRO F 51 -44.45 17.84 16.27
C PRO F 51 -44.98 16.58 15.61
N ASP F 52 -44.73 15.43 16.22
CA ASP F 52 -45.25 14.16 15.75
C ASP F 52 -46.69 13.99 16.23
N GLN F 53 -47.64 14.05 15.30
CA GLN F 53 -49.05 13.97 15.65
C GLN F 53 -49.70 12.68 15.16
N GLY F 54 -48.98 11.57 15.27
CA GLY F 54 -49.48 10.28 14.83
C GLY F 54 -48.96 9.89 13.46
N LEU F 55 -47.67 10.15 13.23
CA LEU F 55 -47.03 9.83 11.96
C LEU F 55 -46.92 8.33 11.78
N ILE F 56 -46.92 7.89 10.52
CA ILE F 56 -46.78 6.47 10.21
C ILE F 56 -45.41 5.96 10.65
N CYS F 57 -44.47 6.89 10.84
CA CYS F 57 -43.13 6.54 11.33
C CYS F 57 -42.68 7.56 12.37
N HIS F 58 -42.62 7.11 13.62
CA HIS F 58 -42.27 8.00 14.74
C HIS F 58 -40.76 8.20 14.85
N ASP F 59 -40.00 7.43 14.08
CA ASP F 59 -38.54 7.54 14.11
C ASP F 59 -38.03 8.53 13.07
N ALA F 60 -38.94 9.23 12.42
CA ALA F 60 -38.60 10.23 11.42
C ALA F 60 -39.53 11.43 11.49
N PHE F 61 -39.00 12.61 11.17
CA PHE F 61 -39.79 13.84 11.20
C PHE F 61 -40.94 13.79 10.21
N CYS F 62 -41.91 14.68 10.41
CA CYS F 62 -43.03 14.81 9.49
C CYS F 62 -42.52 15.36 8.15
N GLY F 63 -42.89 14.69 7.06
CA GLY F 63 -42.47 15.11 5.74
C GLY F 63 -41.17 14.46 5.31
N ALA F 64 -40.73 13.46 6.07
CA ALA F 64 -39.51 12.73 5.72
C ALA F 64 -39.85 11.53 4.85
N LEU F 65 -38.86 10.98 4.17
CA LEU F 65 -39.05 9.79 3.36
C LEU F 65 -38.85 8.53 4.20
N VAL F 66 -39.84 7.65 4.18
CA VAL F 66 -39.73 6.37 4.88
C VAL F 66 -40.07 5.26 3.92
N MET F 67 -39.97 4.01 4.38
CA MET F 67 -40.26 2.87 3.51
C MET F 67 -40.81 1.68 4.28
N LYS F 68 -41.41 0.75 3.53
CA LYS F 68 -41.80 -0.54 4.05
C LYS F 68 -41.20 -1.63 3.19
N ILE F 69 -40.66 -2.66 3.84
CA ILE F 69 -40.15 -3.82 3.13
C ILE F 69 -41.04 -5.02 3.42
N GLY F 70 -41.82 -5.42 2.43
CA GLY F 70 -42.75 -6.53 2.61
C GLY F 70 -43.86 -6.17 3.56
N ASN F 71 -44.02 -6.95 4.62
CA ASN F 71 -45.04 -6.68 5.64
C ASN F 71 -44.46 -6.03 6.90
N SER F 72 -43.27 -5.44 6.77
CA SER F 72 -42.60 -4.81 7.89
C SER F 72 -43.22 -3.47 8.24
N GLY F 73 -42.87 -2.95 9.42
CA GLY F 73 -43.27 -1.61 9.81
C GLY F 73 -42.48 -0.59 9.01
N THR F 74 -42.78 0.68 9.22
CA THR F 74 -42.08 1.75 8.52
C THR F 74 -40.64 1.85 8.96
N ILE F 75 -39.76 2.16 8.01
CA ILE F 75 -38.34 2.36 8.27
C ILE F 75 -37.89 3.69 7.70
N PRO F 76 -37.16 4.47 8.51
CA PRO F 76 -36.64 5.78 8.07
C PRO F 76 -35.71 5.63 6.87
N VAL F 77 -35.90 6.49 5.86
CA VAL F 77 -35.00 6.52 4.72
C VAL F 77 -34.30 7.87 4.65
N ASN F 78 -35.07 8.94 4.87
CA ASN F 78 -34.52 10.30 4.83
C ASN F 78 -33.83 10.59 3.50
N THR F 79 -32.63 11.18 3.55
CA THR F 79 -31.90 11.49 2.34
C THR F 79 -31.42 10.21 1.63
N GLY F 80 -31.39 9.11 2.37
CA GLY F 80 -31.03 7.83 1.79
C GLY F 80 -30.22 6.93 2.72
N LEU F 81 -29.91 5.73 2.24
CA LEU F 81 -29.12 4.77 2.99
C LEU F 81 -27.90 4.34 2.19
N PHE F 82 -26.78 4.14 2.86
CA PHE F 82 -25.54 3.77 2.18
C PHE F 82 -25.12 2.35 2.52
N ARG F 83 -25.22 1.45 1.55
CA ARG F 83 -24.87 0.06 1.74
C ARG F 83 -25.51 -0.45 3.04
N TRP F 84 -26.83 -0.47 3.04
CA TRP F 84 -27.62 -0.74 4.22
C TRP F 84 -28.18 -2.17 4.21
N VAL F 85 -28.07 -2.84 5.33
CA VAL F 85 -28.63 -4.19 5.48
C VAL F 85 -29.82 -4.17 6.44
N ALA F 86 -30.93 -4.74 6.01
CA ALA F 86 -32.17 -4.74 6.79
C ALA F 86 -32.05 -5.62 8.04
N PRO F 87 -32.90 -5.35 9.05
CA PRO F 87 -32.98 -6.19 10.25
C PRO F 87 -33.42 -7.61 9.89
N ASN F 88 -33.06 -8.57 10.73
CA ASN F 88 -33.41 -9.97 10.47
C ASN F 88 -34.90 -10.15 10.23
N ASN F 89 -35.24 -11.11 9.36
CA ASN F 89 -36.62 -11.44 9.05
C ASN F 89 -37.38 -10.34 8.31
N VAL F 90 -36.65 -9.47 7.64
CA VAL F 90 -37.25 -8.40 6.87
C VAL F 90 -37.00 -8.59 5.38
N GLN F 91 -38.06 -8.80 4.62
CA GLN F 91 -37.94 -9.05 3.18
C GLN F 91 -39.22 -8.71 2.44
N GLY F 92 -39.12 -8.62 1.11
CA GLY F 92 -40.26 -8.32 0.28
C GLY F 92 -40.10 -7.05 -0.52
N ALA F 93 -41.10 -6.74 -1.33
CA ALA F 93 -41.07 -5.53 -2.17
C ALA F 93 -40.85 -4.28 -1.32
N ILE F 94 -40.20 -3.29 -1.92
CA ILE F 94 -39.95 -2.02 -1.23
C ILE F 94 -40.95 -0.96 -1.66
N THR F 95 -41.67 -0.41 -0.69
CA THR F 95 -42.59 0.69 -0.95
C THR F 95 -42.10 1.96 -0.27
N LEU F 96 -41.98 3.03 -1.04
CA LEU F 96 -41.55 4.32 -0.50
C LEU F 96 -42.77 5.16 -0.13
N ILE F 97 -42.73 5.78 1.05
CA ILE F 97 -43.88 6.55 1.53
C ILE F 97 -43.46 7.87 2.14
N TYR F 98 -44.22 8.92 1.84
CA TYR F 98 -44.06 10.22 2.49
C TYR F 98 -44.58 10.10 3.92
N ASN F 99 -43.77 10.54 4.88
CA ASN F 99 -44.12 10.38 6.29
C ASN F 99 -45.13 11.42 6.78
N ASP F 100 -46.36 10.98 6.99
CA ASP F 100 -47.44 11.87 7.43
C ASP F 100 -48.43 11.12 8.31
N VAL F 101 -49.38 11.85 8.87
CA VAL F 101 -50.44 11.23 9.67
C VAL F 101 -51.51 10.64 8.75
N PRO F 102 -51.88 9.38 9.01
CA PRO F 102 -52.88 8.69 8.19
C PRO F 102 -54.16 9.51 8.01
N GLY F 103 -54.65 9.59 6.78
CA GLY F 103 -55.89 10.28 6.49
C GLY F 103 -55.74 11.78 6.26
N THR F 104 -54.51 12.27 6.23
CA THR F 104 -54.27 13.70 6.05
C THR F 104 -53.51 14.02 4.76
N TYR F 105 -53.10 12.98 4.03
CA TYR F 105 -52.30 13.15 2.83
C TYR F 105 -52.94 14.03 1.76
N GLY F 106 -54.23 14.32 1.92
CA GLY F 106 -54.98 15.06 0.92
C GLY F 106 -54.42 16.41 0.53
N ASN F 107 -53.87 17.14 1.49
CA ASN F 107 -53.38 18.49 1.24
C ASN F 107 -51.87 18.56 1.04
N ASN F 108 -51.27 17.44 0.66
CA ASN F 108 -49.83 17.38 0.42
C ASN F 108 -49.48 17.79 -1.00
N SER F 109 -48.27 18.30 -1.18
CA SER F 109 -47.77 18.68 -2.50
C SER F 109 -46.28 18.38 -2.63
N GLY F 110 -45.80 18.33 -3.86
CA GLY F 110 -44.39 18.05 -4.11
C GLY F 110 -44.12 16.56 -4.16
N SER F 111 -42.85 16.20 -4.34
CA SER F 111 -42.46 14.80 -4.43
C SER F 111 -40.96 14.64 -4.22
N PHE F 112 -40.52 13.38 -4.13
CA PHE F 112 -39.11 13.07 -3.98
C PHE F 112 -38.63 12.20 -5.12
N SER F 113 -37.52 12.61 -5.75
CA SER F 113 -36.89 11.79 -6.77
C SER F 113 -35.95 10.82 -6.06
N VAL F 114 -36.14 9.52 -6.30
CA VAL F 114 -35.40 8.52 -5.55
C VAL F 114 -34.70 7.48 -6.45
N ASN F 115 -33.47 7.15 -6.07
CA ASN F 115 -32.75 6.05 -6.69
C ASN F 115 -32.51 4.92 -5.70
N ILE F 116 -32.84 3.70 -6.10
CA ILE F 116 -32.55 2.53 -5.27
C ILE F 116 -31.76 1.52 -6.08
N GLY F 117 -30.62 1.10 -5.52
CA GLY F 117 -29.79 0.11 -6.18
C GLY F 117 -29.25 -0.92 -5.21
N LYS F 118 -29.15 -2.15 -5.66
CA LYS F 118 -28.55 -3.21 -4.86
C LYS F 118 -27.04 -3.15 -5.02
N ASP F 119 -26.32 -3.10 -3.91
CA ASP F 119 -24.87 -3.15 -3.93
C ASP F 119 -24.42 -4.60 -3.97
N GLN F 120 -23.15 -4.84 -4.29
CA GLN F 120 -22.63 -6.19 -4.31
C GLN F 120 -22.46 -6.73 -2.89
N SER F 121 -22.53 -8.04 -2.75
CA SER F 121 -22.45 -8.68 -1.44
C SER F 121 -21.99 -10.12 -1.60
N ALA G 1 -14.15 2.87 0.65
CA ALA G 1 -15.14 3.93 0.83
C ALA G 1 -14.70 4.91 1.91
N TRP G 2 -15.40 6.03 2.01
CA TRP G 2 -15.08 7.04 3.01
C TRP G 2 -16.31 7.49 3.76
N LYS G 3 -16.16 7.72 5.07
CA LYS G 3 -17.24 8.26 5.89
C LYS G 3 -16.67 9.29 6.86
N GLY G 4 -17.34 10.43 6.95
CA GLY G 4 -16.92 11.50 7.84
C GLY G 4 -17.92 12.62 7.93
N GLU G 5 -17.59 13.64 8.71
CA GLU G 5 -18.46 14.80 8.87
C GLU G 5 -17.91 16.04 8.19
N VAL G 6 -18.82 16.85 7.65
CA VAL G 6 -18.44 18.10 7.02
C VAL G 6 -19.00 19.27 7.82
N LEU G 7 -18.15 19.90 8.61
CA LEU G 7 -18.57 21.04 9.44
C LEU G 7 -18.98 22.23 8.59
N ALA G 8 -20.08 22.86 8.98
CA ALA G 8 -20.62 24.00 8.23
C ALA G 8 -19.68 25.20 8.28
N ASN G 9 -18.92 25.33 9.36
CA ASN G 9 -18.01 26.47 9.52
C ASN G 9 -16.63 26.23 8.93
N ASN G 10 -16.44 25.09 8.28
CA ASN G 10 -15.16 24.77 7.66
C ASN G 10 -15.09 25.30 6.23
N GLU G 11 -14.54 26.50 6.07
CA GLU G 11 -14.48 27.14 4.76
C GLU G 11 -13.57 26.40 3.79
N ALA G 12 -12.43 25.95 4.26
CA ALA G 12 -11.48 25.23 3.42
C ALA G 12 -12.11 23.98 2.82
N GLY G 13 -12.95 23.32 3.61
CA GLY G 13 -13.62 22.12 3.16
C GLY G 13 -13.07 20.87 3.83
N GLN G 14 -13.81 19.77 3.74
CA GLN G 14 -13.39 18.51 4.31
C GLN G 14 -12.80 17.60 3.23
N VAL G 15 -11.49 17.39 3.28
CA VAL G 15 -10.83 16.52 2.32
C VAL G 15 -11.09 15.06 2.63
N THR G 16 -11.60 14.33 1.65
CA THR G 16 -11.90 12.91 1.82
C THR G 16 -10.71 12.05 1.39
N SER G 17 -10.81 10.75 1.60
CA SER G 17 -9.77 9.82 1.19
C SER G 17 -10.03 9.31 -0.22
N ILE G 18 -11.06 9.86 -0.85
CA ILE G 18 -11.44 9.43 -2.19
C ILE G 18 -10.72 10.24 -3.28
N ILE G 19 -10.00 9.53 -4.13
CA ILE G 19 -9.39 10.15 -5.30
C ILE G 19 -10.17 9.72 -6.54
N TYR G 20 -10.88 10.66 -7.15
CA TYR G 20 -11.65 10.34 -8.35
C TYR G 20 -10.72 10.18 -9.55
N ASN G 21 -10.84 9.05 -10.23
CA ASN G 21 -10.06 8.76 -11.41
C ASN G 21 -10.95 8.63 -12.64
N PRO G 22 -10.40 8.90 -13.83
CA PRO G 22 -11.18 8.78 -15.07
C PRO G 22 -11.90 7.44 -15.14
N GLY G 23 -13.21 7.48 -15.42
CA GLY G 23 -14.00 6.28 -15.56
C GLY G 23 -14.66 5.84 -14.26
N ASP G 24 -14.25 6.45 -13.14
CA ASP G 24 -14.80 6.10 -11.84
C ASP G 24 -16.30 6.39 -11.73
N VAL G 25 -17.01 5.50 -11.04
CA VAL G 25 -18.41 5.70 -10.74
C VAL G 25 -18.56 5.75 -9.23
N ILE G 26 -19.09 6.86 -8.71
CA ILE G 26 -19.20 7.03 -7.27
C ILE G 26 -20.63 7.26 -6.81
N THR G 27 -20.90 6.92 -5.56
CA THR G 27 -22.20 7.16 -4.95
C THR G 27 -22.03 7.91 -3.64
N ILE G 28 -22.77 9.01 -3.49
CA ILE G 28 -22.69 9.82 -2.29
C ILE G 28 -24.03 9.88 -1.58
N VAL G 29 -24.02 9.71 -0.27
CA VAL G 29 -25.20 9.89 0.55
C VAL G 29 -24.87 10.83 1.71
N ALA G 30 -25.58 11.94 1.78
CA ALA G 30 -25.33 12.95 2.82
C ALA G 30 -26.57 13.22 3.65
N ALA G 31 -26.38 13.38 4.96
CA ALA G 31 -27.48 13.64 5.87
C ALA G 31 -27.04 14.56 7.00
N GLY G 32 -28.00 15.12 7.72
CA GLY G 32 -27.71 15.95 8.87
C GLY G 32 -28.35 17.33 8.79
N TRP G 33 -28.02 18.17 9.77
CA TRP G 33 -28.57 19.52 9.84
C TRP G 33 -27.49 20.54 10.11
N ALA G 34 -27.53 21.65 9.38
CA ALA G 34 -26.52 22.70 9.54
C ALA G 34 -27.14 24.07 9.26
N SER G 35 -26.45 25.12 9.70
CA SER G 35 -26.93 26.47 9.49
C SER G 35 -25.84 27.40 8.98
N TYR G 36 -26.25 28.40 8.19
CA TYR G 36 -25.34 29.41 7.68
C TYR G 36 -25.46 30.70 8.50
N GLY G 37 -25.94 30.58 9.73
CA GLY G 37 -26.08 31.75 10.59
C GLY G 37 -27.31 31.73 11.48
N PRO G 38 -28.51 31.72 10.87
CA PRO G 38 -29.78 31.71 11.60
C PRO G 38 -29.85 30.59 12.64
N THR G 39 -30.81 30.70 13.56
CA THR G 39 -30.97 29.69 14.61
C THR G 39 -31.56 28.40 14.03
N GLN G 40 -32.26 28.55 12.90
CA GLN G 40 -32.80 27.41 12.20
C GLN G 40 -31.70 26.65 11.48
N LYS G 41 -31.94 25.38 11.19
CA LYS G 41 -31.00 24.55 10.44
C LYS G 41 -31.65 23.94 9.20
N TRP G 42 -30.84 23.61 8.21
CA TRP G 42 -31.35 23.03 6.96
C TRP G 42 -30.63 21.74 6.61
N GLY G 43 -31.22 20.97 5.70
CA GLY G 43 -30.62 19.74 5.22
C GLY G 43 -29.57 20.00 4.15
N PRO G 44 -29.03 18.93 3.56
CA PRO G 44 -27.96 19.00 2.56
C PRO G 44 -28.34 19.79 1.31
N GLN G 45 -29.64 20.02 1.10
CA GLN G 45 -30.10 20.78 -0.05
C GLN G 45 -30.09 22.29 0.23
N GLY G 46 -29.90 22.66 1.49
CA GLY G 46 -29.81 24.05 1.87
C GLY G 46 -31.15 24.75 2.03
N ASP G 47 -31.11 26.08 1.99
CA ASP G 47 -32.29 26.91 2.16
C ASP G 47 -32.81 27.37 0.80
N ARG G 48 -33.94 26.80 0.38
CA ARG G 48 -34.50 27.06 -0.95
C ARG G 48 -35.10 28.47 -1.10
N GLU G 49 -35.22 29.19 0.01
CA GLU G 49 -35.85 30.51 -0.02
C GLU G 49 -34.85 31.64 0.24
N HIS G 50 -33.59 31.28 0.43
CA HIS G 50 -32.55 32.26 0.70
C HIS G 50 -31.89 32.71 -0.60
N PRO G 51 -31.65 34.02 -0.75
CA PRO G 51 -31.02 34.56 -1.96
C PRO G 51 -29.55 34.17 -2.07
N ASP G 52 -29.03 34.15 -3.30
CA ASP G 52 -27.62 33.87 -3.54
C ASP G 52 -26.81 35.15 -3.42
N GLN G 53 -26.07 35.28 -2.33
CA GLN G 53 -25.31 36.50 -2.07
C GLN G 53 -23.82 36.34 -2.37
N GLY G 54 -23.51 35.50 -3.36
CA GLY G 54 -22.13 35.26 -3.74
C GLY G 54 -21.61 33.94 -3.22
N LEU G 55 -22.44 32.91 -3.30
CA LEU G 55 -22.07 31.57 -2.82
C LEU G 55 -20.90 31.01 -3.62
N ILE G 56 -20.13 30.13 -3.00
CA ILE G 56 -19.01 29.47 -3.69
C ILE G 56 -19.54 28.56 -4.77
N CYS G 57 -20.86 28.37 -4.80
CA CYS G 57 -21.49 27.48 -5.76
C CYS G 57 -22.86 28.02 -6.17
N HIS G 58 -22.97 28.50 -7.40
CA HIS G 58 -24.17 29.18 -7.85
C HIS G 58 -25.24 28.26 -8.44
N ASP G 59 -24.99 26.95 -8.42
CA ASP G 59 -25.99 26.00 -8.88
C ASP G 59 -26.61 25.25 -7.71
N ALA G 60 -26.42 25.78 -6.51
CA ALA G 60 -26.98 25.17 -5.31
C ALA G 60 -27.36 26.23 -4.28
N PHE G 61 -28.42 25.95 -3.52
CA PHE G 61 -28.90 26.87 -2.51
C PHE G 61 -27.86 27.09 -1.42
N CYS G 62 -27.97 28.23 -0.73
CA CYS G 62 -27.13 28.51 0.42
C CYS G 62 -27.38 27.43 1.49
N GLY G 63 -26.29 26.86 2.00
CA GLY G 63 -26.40 25.83 3.03
C GLY G 63 -26.42 24.43 2.46
N ALA G 64 -26.30 24.32 1.14
CA ALA G 64 -26.27 23.01 0.49
C ALA G 64 -24.86 22.41 0.52
N LEU G 65 -24.78 21.10 0.30
CA LEU G 65 -23.49 20.42 0.24
C LEU G 65 -22.95 20.40 -1.18
N VAL G 66 -21.75 20.93 -1.37
CA VAL G 66 -21.09 20.92 -2.67
C VAL G 66 -19.74 20.23 -2.56
N MET G 67 -19.04 20.09 -3.68
CA MET G 67 -17.74 19.43 -3.68
C MET G 67 -16.80 19.97 -4.75
N LYS G 68 -15.52 19.65 -4.59
CA LYS G 68 -14.52 19.92 -5.61
C LYS G 68 -13.75 18.64 -5.89
N ILE G 69 -13.53 18.34 -7.17
CA ILE G 69 -12.73 17.19 -7.54
C ILE G 69 -11.41 17.66 -8.12
N GLY G 70 -10.32 17.44 -7.37
CA GLY G 70 -9.03 17.96 -7.76
C GLY G 70 -9.03 19.47 -7.70
N ASN G 71 -9.00 20.10 -8.88
CA ASN G 71 -8.99 21.56 -8.95
C ASN G 71 -10.15 22.09 -9.79
N SER G 72 -11.20 21.30 -9.89
CA SER G 72 -12.38 21.69 -10.62
C SER G 72 -13.16 22.75 -9.85
N GLY G 73 -14.15 23.34 -10.51
CA GLY G 73 -15.07 24.26 -9.86
C GLY G 73 -15.97 23.49 -8.91
N THR G 74 -16.77 24.22 -8.13
CA THR G 74 -17.69 23.58 -7.21
C THR G 74 -18.74 22.78 -7.97
N ILE G 75 -19.11 21.62 -7.44
CA ILE G 75 -20.13 20.77 -8.05
C ILE G 75 -21.19 20.44 -7.00
N PRO G 76 -22.47 20.59 -7.37
CA PRO G 76 -23.57 20.31 -6.44
C PRO G 76 -23.59 18.86 -6.01
N VAL G 77 -23.68 18.62 -4.69
CA VAL G 77 -23.81 17.27 -4.18
C VAL G 77 -25.18 17.08 -3.54
N ASN G 78 -25.60 18.06 -2.76
CA ASN G 78 -26.89 18.03 -2.07
C ASN G 78 -27.05 16.78 -1.23
N THR G 79 -28.17 16.07 -1.40
CA THR G 79 -28.44 14.87 -0.62
C THR G 79 -27.50 13.74 -1.03
N GLY G 80 -26.87 13.90 -2.19
CA GLY G 80 -25.92 12.92 -2.67
C GLY G 80 -26.07 12.59 -4.14
N LEU G 81 -25.20 11.70 -4.62
CA LEU G 81 -25.19 11.32 -6.03
C LEU G 81 -25.28 9.81 -6.15
N PHE G 82 -26.03 9.32 -7.14
CA PHE G 82 -26.21 7.89 -7.33
C PHE G 82 -25.49 7.40 -8.59
N ARG G 83 -24.49 6.55 -8.41
CA ARG G 83 -23.71 6.02 -9.53
C ARG G 83 -23.38 7.13 -10.52
N TRP G 84 -22.58 8.09 -10.05
CA TRP G 84 -22.33 9.34 -10.75
C TRP G 84 -20.97 9.34 -11.44
N VAL G 85 -20.92 9.91 -12.64
CA VAL G 85 -19.68 10.02 -13.39
C VAL G 85 -19.31 11.47 -13.64
N ALA G 86 -18.07 11.83 -13.29
CA ALA G 86 -17.62 13.21 -13.44
C ALA G 86 -17.52 13.61 -14.90
N PRO G 87 -17.57 14.92 -15.17
CA PRO G 87 -17.38 15.45 -16.52
C PRO G 87 -15.98 15.13 -17.03
N ASN G 88 -15.71 15.42 -18.30
CA ASN G 88 -14.42 15.12 -18.90
C ASN G 88 -13.30 15.92 -18.27
N ASN G 89 -12.18 15.24 -18.00
CA ASN G 89 -11.00 15.89 -17.43
C ASN G 89 -11.18 16.36 -15.98
N VAL G 90 -12.18 15.82 -15.31
CA VAL G 90 -12.39 16.12 -13.90
C VAL G 90 -11.86 14.94 -13.06
N GLN G 91 -10.82 15.20 -12.29
CA GLN G 91 -10.15 14.15 -11.53
C GLN G 91 -9.42 14.73 -10.33
N GLY G 92 -9.10 13.89 -9.36
CA GLY G 92 -8.36 14.32 -8.18
C GLY G 92 -9.10 14.06 -6.89
N ALA G 93 -8.50 14.47 -5.78
CA ALA G 93 -9.09 14.28 -4.46
C ALA G 93 -10.43 14.99 -4.34
N ILE G 94 -11.40 14.33 -3.71
CA ILE G 94 -12.72 14.92 -3.50
C ILE G 94 -12.78 15.69 -2.19
N THR G 95 -13.15 16.96 -2.27
CA THR G 95 -13.32 17.79 -1.08
C THR G 95 -14.78 18.20 -0.93
N LEU G 96 -15.37 17.90 0.22
CA LEU G 96 -16.75 18.28 0.49
C LEU G 96 -16.79 19.64 1.20
N ILE G 97 -17.68 20.52 0.75
CA ILE G 97 -17.73 21.87 1.30
C ILE G 97 -19.17 22.34 1.53
N TYR G 98 -19.37 23.07 2.63
CA TYR G 98 -20.65 23.69 2.92
C TYR G 98 -20.79 24.93 2.05
N ASN G 99 -21.88 25.00 1.29
CA ASN G 99 -22.09 26.10 0.35
C ASN G 99 -22.48 27.41 1.03
N ASP G 100 -21.52 28.33 1.14
CA ASP G 100 -21.76 29.62 1.78
C ASP G 100 -20.93 30.70 1.10
N VAL G 101 -21.14 31.95 1.49
CA VAL G 101 -20.37 33.06 0.96
C VAL G 101 -19.01 33.13 1.64
N PRO G 102 -17.93 33.21 0.84
CA PRO G 102 -16.56 33.28 1.36
C PRO G 102 -16.39 34.35 2.44
N GLY G 103 -15.75 33.97 3.54
CA GLY G 103 -15.47 34.90 4.62
C GLY G 103 -16.57 35.02 5.64
N THR G 104 -17.62 34.21 5.51
CA THR G 104 -18.75 34.29 6.43
C THR G 104 -18.99 32.99 7.19
N TYR G 105 -18.15 31.99 6.94
CA TYR G 105 -18.29 30.69 7.59
C TYR G 105 -18.18 30.78 9.11
N GLY G 106 -17.74 31.93 9.61
CA GLY G 106 -17.52 32.11 11.04
C GLY G 106 -18.70 31.78 11.93
N ASN G 107 -19.89 32.22 11.53
CA ASN G 107 -21.08 32.03 12.35
C ASN G 107 -21.91 30.80 11.97
N ASN G 108 -21.26 29.84 11.31
CA ASN G 108 -21.92 28.60 10.92
C ASN G 108 -21.94 27.57 12.04
N SER G 109 -22.91 26.66 11.97
CA SER G 109 -23.01 25.59 12.96
C SER G 109 -23.62 24.34 12.35
N GLY G 110 -23.47 23.21 13.03
CA GLY G 110 -23.97 21.96 12.53
C GLY G 110 -23.03 21.35 11.49
N SER G 111 -23.43 20.21 10.93
CA SER G 111 -22.60 19.52 9.97
C SER G 111 -23.39 18.45 9.24
N PHE G 112 -22.75 17.82 8.26
CA PHE G 112 -23.36 16.75 7.49
C PHE G 112 -22.58 15.45 7.63
N SER G 113 -23.28 14.36 7.87
CA SER G 113 -22.67 13.05 7.87
C SER G 113 -22.73 12.50 6.44
N VAL G 114 -21.57 12.22 5.85
CA VAL G 114 -21.53 11.85 4.44
C VAL G 114 -20.81 10.52 4.17
N ASN G 115 -21.37 9.74 3.27
CA ASN G 115 -20.73 8.50 2.82
C ASN G 115 -20.39 8.58 1.34
N ILE G 116 -19.14 8.28 1.01
CA ILE G 116 -18.72 8.20 -0.38
C ILE G 116 -18.13 6.82 -0.66
N GLY G 117 -18.58 6.20 -1.74
CA GLY G 117 -18.07 4.91 -2.15
C GLY G 117 -17.94 4.83 -3.66
N LYS G 118 -17.08 3.94 -4.13
CA LYS G 118 -16.93 3.73 -5.56
C LYS G 118 -17.72 2.50 -6.00
N ASP G 119 -18.52 2.67 -7.05
CA ASP G 119 -19.33 1.57 -7.57
C ASP G 119 -18.54 0.74 -8.56
N GLN G 120 -19.04 -0.45 -8.87
CA GLN G 120 -18.36 -1.33 -9.79
C GLN G 120 -18.45 -0.77 -11.21
N SER G 121 -17.40 -0.99 -12.00
CA SER G 121 -17.36 -0.49 -13.37
C SER G 121 -16.33 -1.25 -14.19
N ALA H 1 -20.51 -12.63 0.55
CA ALA H 1 -19.94 -13.58 -0.39
C ALA H 1 -19.68 -14.92 0.30
N TRP H 2 -19.25 -15.91 -0.48
CA TRP H 2 -18.97 -17.23 0.04
C TRP H 2 -17.65 -17.78 -0.49
N LYS H 3 -16.90 -18.44 0.38
CA LYS H 3 -15.66 -19.09 -0.01
C LYS H 3 -15.53 -20.46 0.64
N GLY H 4 -15.25 -21.48 -0.16
CA GLY H 4 -15.13 -22.83 0.36
C GLY H 4 -14.54 -23.82 -0.62
N GLU H 5 -14.36 -25.06 -0.18
CA GLU H 5 -13.80 -26.12 -1.00
C GLU H 5 -14.89 -27.03 -1.54
N VAL H 6 -14.72 -27.46 -2.78
CA VAL H 6 -15.62 -28.44 -3.38
C VAL H 6 -14.85 -29.70 -3.71
N LEU H 7 -15.02 -30.74 -2.89
CA LEU H 7 -14.31 -31.99 -3.08
C LEU H 7 -14.82 -32.74 -4.31
N ALA H 8 -13.88 -33.29 -5.07
CA ALA H 8 -14.21 -34.01 -6.30
C ALA H 8 -15.00 -35.28 -6.01
N ASN H 9 -14.85 -35.81 -4.80
CA ASN H 9 -15.52 -37.06 -4.44
C ASN H 9 -16.84 -36.85 -3.71
N ASN H 10 -17.31 -35.60 -3.70
CA ASN H 10 -18.58 -35.28 -3.08
C ASN H 10 -19.71 -35.31 -4.10
N GLU H 11 -20.33 -36.46 -4.25
CA GLU H 11 -21.38 -36.64 -5.25
C GLU H 11 -22.57 -35.72 -5.01
N ALA H 12 -22.91 -35.53 -3.74
CA ALA H 12 -24.06 -34.71 -3.36
C ALA H 12 -23.81 -33.24 -3.70
N GLY H 13 -22.53 -32.85 -3.74
CA GLY H 13 -22.16 -31.49 -4.01
C GLY H 13 -21.99 -30.68 -2.74
N GLN H 14 -21.44 -29.48 -2.88
CA GLN H 14 -21.22 -28.61 -1.72
C GLN H 14 -22.22 -27.46 -1.70
N VAL H 15 -23.05 -27.42 -0.65
CA VAL H 15 -24.02 -26.35 -0.50
C VAL H 15 -23.34 -25.05 -0.07
N THR H 16 -23.64 -23.98 -0.77
CA THR H 16 -23.10 -22.66 -0.43
C THR H 16 -24.12 -21.85 0.37
N SER H 17 -23.69 -20.72 0.91
CA SER H 17 -24.59 -19.84 1.65
C SER H 17 -25.29 -18.87 0.71
N ILE H 18 -24.97 -18.95 -0.58
CA ILE H 18 -25.56 -18.05 -1.56
C ILE H 18 -26.93 -18.54 -2.02
N ILE H 19 -27.95 -17.70 -1.84
CA ILE H 19 -29.28 -17.99 -2.35
C ILE H 19 -29.56 -17.09 -3.55
N TYR H 20 -29.56 -17.68 -4.74
CA TYR H 20 -29.81 -16.89 -5.94
C TYR H 20 -31.28 -16.50 -6.05
N ASN H 21 -31.53 -15.21 -6.18
CA ASN H 21 -32.88 -14.69 -6.30
C ASN H 21 -33.09 -14.01 -7.66
N PRO H 22 -34.35 -13.89 -8.09
CA PRO H 22 -34.66 -13.23 -9.37
C PRO H 22 -34.01 -11.86 -9.46
N GLY H 23 -33.28 -11.62 -10.55
CA GLY H 23 -32.64 -10.33 -10.77
C GLY H 23 -31.22 -10.26 -10.25
N ASP H 24 -30.84 -11.23 -9.42
CA ASP H 24 -29.48 -11.26 -8.87
C ASP H 24 -28.43 -11.40 -9.94
N VAL H 25 -27.32 -10.68 -9.77
CA VAL H 25 -26.15 -10.83 -10.63
C VAL H 25 -25.02 -11.38 -9.77
N ILE H 26 -24.38 -12.44 -10.24
CA ILE H 26 -23.33 -13.09 -9.47
C ILE H 26 -22.03 -13.26 -10.25
N THR H 27 -20.92 -13.39 -9.51
CA THR H 27 -19.63 -13.67 -10.11
C THR H 27 -18.96 -14.81 -9.36
N ILE H 28 -18.41 -15.76 -10.11
CA ILE H 28 -17.76 -16.92 -9.51
C ILE H 28 -16.35 -17.11 -10.06
N VAL H 29 -15.40 -17.41 -9.16
CA VAL H 29 -14.05 -17.72 -9.57
C VAL H 29 -13.61 -19.03 -8.91
N ALA H 30 -13.19 -19.99 -9.72
CA ALA H 30 -12.80 -21.30 -9.22
C ALA H 30 -11.39 -21.67 -9.64
N ALA H 31 -10.64 -22.25 -8.71
CA ALA H 31 -9.27 -22.69 -8.98
C ALA H 31 -8.98 -24.00 -8.28
N GLY H 32 -7.86 -24.62 -8.63
CA GLY H 32 -7.45 -25.86 -7.99
C GLY H 32 -7.33 -27.03 -8.94
N TRP H 33 -7.00 -28.19 -8.38
CA TRP H 33 -6.79 -29.39 -9.18
C TRP H 33 -7.57 -30.56 -8.62
N ALA H 34 -8.18 -31.34 -9.50
CA ALA H 34 -8.97 -32.50 -9.10
C ALA H 34 -8.95 -33.59 -10.15
N SER H 35 -9.40 -34.78 -9.77
CA SER H 35 -9.39 -35.92 -10.68
C SER H 35 -10.63 -36.78 -10.54
N TYR H 36 -11.04 -37.38 -11.65
CA TYR H 36 -12.19 -38.27 -11.68
C TYR H 36 -11.73 -39.73 -11.70
N GLY H 37 -10.51 -39.99 -11.25
CA GLY H 37 -9.98 -41.34 -11.24
C GLY H 37 -8.49 -41.45 -11.52
N PRO H 38 -8.07 -41.03 -12.72
CA PRO H 38 -6.65 -41.12 -13.10
C PRO H 38 -5.74 -40.42 -12.10
N THR H 39 -4.46 -40.78 -12.09
CA THR H 39 -3.49 -40.17 -11.19
C THR H 39 -3.26 -38.70 -11.55
N GLN H 40 -3.46 -38.37 -12.81
CA GLN H 40 -3.33 -37.00 -13.28
C GLN H 40 -4.49 -36.17 -12.74
N LYS H 41 -4.35 -34.84 -12.77
CA LYS H 41 -5.42 -33.95 -12.32
C LYS H 41 -5.67 -32.82 -13.30
N TRP H 42 -6.89 -32.29 -13.28
CA TRP H 42 -7.29 -31.23 -14.19
C TRP H 42 -7.84 -30.02 -13.43
N GLY H 43 -8.01 -28.91 -14.14
CA GLY H 43 -8.56 -27.70 -13.55
C GLY H 43 -10.08 -27.68 -13.60
N PRO H 44 -10.67 -26.55 -13.18
CA PRO H 44 -12.13 -26.37 -13.11
C PRO H 44 -12.83 -26.62 -14.44
N GLN H 45 -12.06 -26.69 -15.54
CA GLN H 45 -12.65 -26.92 -16.86
C GLN H 45 -12.69 -28.41 -17.20
N GLY H 46 -12.01 -29.23 -16.40
CA GLY H 46 -12.02 -30.66 -16.60
C GLY H 46 -11.08 -31.15 -17.68
N ASP H 47 -11.38 -32.33 -18.22
CA ASP H 47 -10.57 -32.97 -19.24
C ASP H 47 -11.21 -32.83 -20.62
N ARG H 48 -10.63 -31.95 -21.45
CA ARG H 48 -11.20 -31.64 -22.76
C ARG H 48 -11.13 -32.83 -23.72
N GLU H 49 -10.32 -33.83 -23.39
CA GLU H 49 -10.15 -34.98 -24.27
C GLU H 49 -11.02 -36.16 -23.85
N HIS H 50 -11.59 -36.09 -22.66
CA HIS H 50 -12.36 -37.21 -22.11
C HIS H 50 -13.75 -37.28 -22.72
N PRO H 51 -14.23 -38.51 -22.99
CA PRO H 51 -15.58 -38.72 -23.53
C PRO H 51 -16.65 -38.58 -22.47
N ASP H 52 -17.90 -38.38 -22.89
CA ASP H 52 -19.01 -38.25 -21.97
C ASP H 52 -19.72 -39.59 -21.80
N GLN H 53 -19.52 -40.21 -20.64
CA GLN H 53 -20.09 -41.53 -20.37
C GLN H 53 -21.29 -41.47 -19.44
N GLY H 54 -21.98 -40.33 -19.44
CA GLY H 54 -23.14 -40.17 -18.59
C GLY H 54 -22.91 -39.15 -17.49
N LEU H 55 -22.18 -38.09 -17.81
CA LEU H 55 -21.88 -37.03 -16.85
C LEU H 55 -23.17 -36.34 -16.39
N ILE H 56 -23.16 -35.84 -15.16
CA ILE H 56 -24.33 -35.14 -14.63
C ILE H 56 -24.59 -33.84 -15.39
N CYS H 57 -23.58 -33.38 -16.12
CA CYS H 57 -23.73 -32.19 -16.96
C CYS H 57 -23.11 -32.44 -18.33
N HIS H 58 -23.97 -32.48 -19.35
CA HIS H 58 -23.52 -32.77 -20.71
C HIS H 58 -23.00 -31.52 -21.43
N ASP H 59 -23.01 -30.39 -20.73
CA ASP H 59 -22.54 -29.14 -21.30
C ASP H 59 -21.12 -28.78 -20.85
N ALA H 60 -20.48 -29.73 -20.17
CA ALA H 60 -19.12 -29.50 -19.68
C ALA H 60 -18.32 -30.80 -19.67
N PHE H 61 -17.00 -30.66 -19.78
CA PHE H 61 -16.11 -31.82 -19.77
C PHE H 61 -16.15 -32.53 -18.43
N CYS H 62 -15.76 -33.80 -18.43
CA CYS H 62 -15.65 -34.55 -17.19
C CYS H 62 -14.57 -33.94 -16.30
N GLY H 63 -14.89 -33.75 -15.02
CA GLY H 63 -13.96 -33.15 -14.09
C GLY H 63 -14.07 -31.65 -14.04
N ALA H 64 -15.15 -31.11 -14.60
CA ALA H 64 -15.38 -29.67 -14.60
C ALA H 64 -16.29 -29.26 -13.45
N LEU H 65 -16.25 -27.97 -13.11
CA LEU H 65 -17.11 -27.47 -12.04
C LEU H 65 -18.47 -27.05 -12.59
N VAL H 66 -19.53 -27.59 -12.02
CA VAL H 66 -20.88 -27.22 -12.40
C VAL H 66 -21.68 -26.87 -11.14
N MET H 67 -22.87 -26.32 -11.32
CA MET H 67 -23.69 -25.92 -10.19
C MET H 67 -25.17 -26.20 -10.41
N LYS H 68 -25.93 -26.15 -9.31
CA LYS H 68 -27.38 -26.23 -9.37
C LYS H 68 -27.97 -25.10 -8.53
N ILE H 69 -28.81 -24.29 -9.16
CA ILE H 69 -29.54 -23.26 -8.44
C ILE H 69 -30.89 -23.81 -8.00
N GLY H 70 -31.06 -24.01 -6.70
CA GLY H 70 -32.23 -24.71 -6.19
C GLY H 70 -32.10 -26.19 -6.50
N ASN H 71 -33.09 -26.74 -7.20
CA ASN H 71 -33.00 -28.11 -7.67
C ASN H 71 -33.11 -28.16 -9.19
N SER H 72 -32.57 -27.14 -9.84
CA SER H 72 -32.58 -27.05 -11.29
C SER H 72 -31.62 -28.07 -11.91
N GLY H 73 -31.52 -28.05 -13.23
CA GLY H 73 -30.57 -28.88 -13.93
C GLY H 73 -29.16 -28.33 -13.75
N THR H 74 -28.17 -29.18 -13.93
CA THR H 74 -26.78 -28.76 -13.80
C THR H 74 -26.45 -27.61 -14.75
N ILE H 75 -25.69 -26.64 -14.26
CA ILE H 75 -25.27 -25.50 -15.06
C ILE H 75 -23.76 -25.38 -15.03
N PRO H 76 -23.14 -25.28 -16.21
CA PRO H 76 -21.68 -25.18 -16.34
C PRO H 76 -21.13 -23.96 -15.60
N VAL H 77 -20.05 -24.15 -14.85
CA VAL H 77 -19.37 -23.06 -14.16
C VAL H 77 -17.94 -22.92 -14.65
N ASN H 78 -17.24 -24.05 -14.72
CA ASN H 78 -15.85 -24.07 -15.16
C ASN H 78 -14.97 -23.16 -14.30
N THR H 79 -14.16 -22.33 -14.95
CA THR H 79 -13.28 -21.42 -14.22
C THR H 79 -14.09 -20.38 -13.46
N GLY H 80 -15.31 -20.13 -13.91
CA GLY H 80 -16.19 -19.20 -13.23
C GLY H 80 -17.17 -18.45 -14.12
N LEU H 81 -17.93 -17.55 -13.51
CA LEU H 81 -18.91 -16.75 -14.22
C LEU H 81 -18.72 -15.28 -13.89
N PHE H 82 -18.81 -14.42 -14.90
CA PHE H 82 -18.59 -12.99 -14.69
C PHE H 82 -19.89 -12.19 -14.82
N ARG H 83 -20.30 -11.57 -13.72
CA ARG H 83 -21.54 -10.78 -13.70
C ARG H 83 -22.64 -11.52 -14.44
N TRP H 84 -22.97 -12.71 -13.93
CA TRP H 84 -23.84 -13.66 -14.62
C TRP H 84 -25.27 -13.61 -14.09
N VAL H 85 -26.23 -13.68 -15.02
CA VAL H 85 -27.65 -13.69 -14.66
C VAL H 85 -28.28 -15.01 -15.10
N ALA H 86 -28.99 -15.65 -14.18
CA ALA H 86 -29.61 -16.94 -14.44
C ALA H 86 -30.79 -16.82 -15.41
N PRO H 87 -31.19 -17.94 -16.02
CA PRO H 87 -32.39 -17.99 -16.86
C PRO H 87 -33.63 -17.54 -16.10
N ASN H 88 -34.69 -17.21 -16.83
CA ASN H 88 -35.90 -16.69 -16.22
C ASN H 88 -36.55 -17.67 -15.24
N ASN H 89 -36.83 -17.18 -14.03
CA ASN H 89 -37.51 -17.97 -12.98
C ASN H 89 -36.61 -18.93 -12.19
N VAL H 90 -35.36 -19.09 -12.61
CA VAL H 90 -34.43 -19.93 -11.89
C VAL H 90 -34.01 -19.28 -10.57
N GLN H 91 -34.17 -20.00 -9.47
CA GLN H 91 -33.83 -19.47 -8.15
C GLN H 91 -33.63 -20.58 -7.13
N GLY H 92 -33.03 -20.23 -5.99
CA GLY H 92 -32.76 -21.19 -4.93
C GLY H 92 -31.33 -21.17 -4.45
N ALA H 93 -31.01 -22.05 -3.52
CA ALA H 93 -29.66 -22.16 -2.99
C ALA H 93 -28.70 -22.68 -4.04
N ILE H 94 -27.45 -22.24 -3.98
CA ILE H 94 -26.44 -22.66 -4.95
C ILE H 94 -25.60 -23.82 -4.43
N THR H 95 -25.61 -24.92 -5.16
CA THR H 95 -24.80 -26.08 -4.83
C THR H 95 -23.73 -26.29 -5.90
N LEU H 96 -22.48 -26.38 -5.48
CA LEU H 96 -21.36 -26.61 -6.38
C LEU H 96 -21.08 -28.10 -6.50
N ILE H 97 -20.90 -28.58 -7.73
CA ILE H 97 -20.72 -30.00 -7.97
C ILE H 97 -19.59 -30.31 -8.95
N TYR H 98 -18.81 -31.34 -8.63
CA TYR H 98 -17.78 -31.84 -9.52
C TYR H 98 -18.45 -32.70 -10.60
N ASN H 99 -18.25 -32.32 -11.86
CA ASN H 99 -18.92 -33.00 -12.96
C ASN H 99 -18.37 -34.41 -13.21
N ASP H 100 -19.20 -35.41 -12.92
CA ASP H 100 -18.80 -36.80 -13.08
C ASP H 100 -20.03 -37.70 -13.28
N VAL H 101 -19.79 -38.96 -13.60
CA VAL H 101 -20.87 -39.92 -13.77
C VAL H 101 -21.38 -40.40 -12.42
N PRO H 102 -22.71 -40.35 -12.23
CA PRO H 102 -23.33 -40.77 -10.96
C PRO H 102 -22.86 -42.16 -10.52
N GLY H 103 -22.43 -42.29 -9.28
CA GLY H 103 -22.03 -43.57 -8.73
C GLY H 103 -20.56 -43.91 -8.91
N THR H 104 -19.79 -42.96 -9.43
CA THR H 104 -18.38 -43.20 -9.68
C THR H 104 -17.47 -42.27 -8.88
N TYR H 105 -18.07 -41.38 -8.11
CA TYR H 105 -17.31 -40.38 -7.34
C TYR H 105 -16.33 -41.00 -6.35
N GLY H 106 -16.49 -42.30 -6.09
CA GLY H 106 -15.69 -42.98 -5.08
C GLY H 106 -14.19 -42.85 -5.28
N ASN H 107 -13.75 -42.90 -6.54
CA ASN H 107 -12.32 -42.82 -6.85
C ASN H 107 -11.88 -41.44 -7.32
N ASN H 108 -12.49 -40.40 -6.75
CA ASN H 108 -12.12 -39.03 -7.06
C ASN H 108 -11.19 -38.44 -6.01
N SER H 109 -10.31 -37.54 -6.45
CA SER H 109 -9.36 -36.92 -5.56
C SER H 109 -9.25 -35.43 -5.87
N GLY H 110 -8.74 -34.67 -4.90
CA GLY H 110 -8.55 -33.24 -5.08
C GLY H 110 -9.81 -32.45 -4.83
N SER H 111 -9.74 -31.15 -5.12
CA SER H 111 -10.86 -30.25 -4.87
C SER H 111 -10.66 -28.92 -5.56
N PHE H 112 -11.70 -28.09 -5.54
CA PHE H 112 -11.63 -26.76 -6.11
C PHE H 112 -11.89 -25.70 -5.05
N SER H 113 -11.05 -24.68 -5.01
CA SER H 113 -11.29 -23.53 -4.16
C SER H 113 -12.13 -22.52 -4.94
N VAL H 114 -13.28 -22.16 -4.39
CA VAL H 114 -14.23 -21.33 -5.12
C VAL H 114 -14.69 -20.09 -4.36
N ASN H 115 -14.75 -18.97 -5.07
CA ASN H 115 -15.32 -17.74 -4.53
C ASN H 115 -16.59 -17.34 -5.26
N ILE H 116 -17.65 -17.10 -4.50
CA ILE H 116 -18.91 -16.64 -5.09
C ILE H 116 -19.34 -15.35 -4.43
N GLY H 117 -19.78 -14.39 -5.25
CA GLY H 117 -20.26 -13.13 -4.74
C GLY H 117 -21.37 -12.57 -5.61
N LYS H 118 -22.21 -11.73 -5.02
CA LYS H 118 -23.25 -11.05 -5.78
C LYS H 118 -22.75 -9.68 -6.21
N ASP H 119 -23.12 -9.27 -7.42
CA ASP H 119 -22.71 -7.99 -7.95
C ASP H 119 -23.82 -6.96 -7.77
N GLN H 120 -23.50 -5.69 -7.99
CA GLN H 120 -24.49 -4.63 -7.85
C GLN H 120 -25.47 -4.70 -9.02
N SER H 121 -26.72 -4.32 -8.76
CA SER H 121 -27.75 -4.32 -9.78
C SER H 121 -28.90 -3.42 -9.41
N GLN I 1 36.18 -29.13 -21.43
CA GLN I 1 37.53 -28.81 -21.90
C GLN I 1 37.47 -28.09 -23.24
N ARG I 2 37.33 -26.77 -23.19
CA ARG I 2 37.14 -25.97 -24.39
C ARG I 2 36.01 -26.58 -25.22
N SER I 3 34.89 -26.85 -24.54
CA SER I 3 33.74 -27.51 -25.13
C SER I 3 34.00 -29.00 -25.28
N ALA I 4 32.99 -29.81 -24.99
N GLN J 1 11.48 -31.92 -21.09
CA GLN J 1 11.78 -33.06 -20.24
C GLN J 1 11.53 -32.74 -18.78
N ARG J 2 10.86 -33.65 -18.10
CA ARG J 2 10.54 -33.49 -16.68
C ARG J 2 11.77 -33.83 -15.82
N GLN K 1 42.52 -36.26 1.84
CA GLN K 1 42.08 -37.50 2.45
C GLN K 1 40.75 -37.94 1.86
N ARG K 2 39.69 -37.25 2.26
CA ARG K 2 38.34 -37.56 1.80
C ARG K 2 37.77 -38.72 2.61
N GLN L 1 -5.38 40.03 13.07
CA GLN L 1 -6.73 39.46 13.09
C GLN L 1 -7.78 40.52 13.42
N ARG L 2 -7.43 41.77 13.17
CA ARG L 2 -8.29 42.90 13.54
C ARG L 2 -8.64 42.84 15.02
N SER L 3 -7.73 42.29 15.81
CA SER L 3 -7.95 42.10 17.23
C SER L 3 -6.69 41.57 17.90
N ALA L 4 -5.55 42.16 17.55
N GLN M 1 11.19 38.39 32.47
CA GLN M 1 12.20 39.43 32.49
C GLN M 1 12.33 40.11 31.12
N ARG M 2 13.56 40.21 30.63
CA ARG M 2 13.88 40.91 29.38
C ARG M 2 13.26 42.30 29.32
N SER M 3 14.03 43.29 29.75
CA SER M 3 13.58 44.68 29.76
C SER M 3 14.76 45.65 29.82
N GLN N 1 -50.32 23.96 14.82
CA GLN N 1 -50.65 23.62 16.20
C GLN N 1 -49.42 23.60 17.10
N ARG N 2 -48.59 22.58 16.93
CA ARG N 2 -47.34 22.46 17.68
C ARG N 2 -47.55 22.74 19.17
N GLN O 1 -32.02 39.19 4.69
CA GLN O 1 -32.23 40.06 3.54
C GLN O 1 -33.08 41.27 3.92
N ARG O 2 -32.44 42.25 4.56
CA ARG O 2 -33.09 43.50 4.89
C ARG O 2 -32.63 44.62 3.96
N GLN P 1 -11.68 -43.77 -22.23
CA GLN P 1 -10.94 -44.56 -23.21
C GLN P 1 -10.90 -43.86 -24.57
N ARG P 2 -12.04 -43.77 -25.23
CA ARG P 2 -12.14 -43.13 -26.54
C ARG P 2 -12.04 -41.61 -26.44
N SER P 3 -12.99 -40.92 -27.08
CA SER P 3 -13.03 -39.47 -27.05
C SER P 3 -14.37 -38.94 -27.56
N ALA P 4 -14.80 -37.82 -27.01
#